data_9D8B
#
_entry.id   9D8B
#
_cell.length_a   54.046
_cell.length_b   59.024
_cell.length_c   89.481
_cell.angle_alpha   94.390
_cell.angle_beta   92.980
_cell.angle_gamma   113.210
#
_symmetry.space_group_name_H-M   'P 1'
#
loop_
_entity.id
_entity.type
_entity.pdbx_description
1 polymer 'Ferrous iron transport protein B'
2 non-polymer "GUANOSINE-5'-DIPHOSPHATE"
3 non-polymer GLYCEROL
4 water water
#
_entity_poly.entity_id   1
_entity_poly.type   'polypeptide(L)'
_entity_poly.pdbx_seq_one_letter_code
;SKYQVLTVGNPNSGKTTLFNGLTGAKQQVGNWAGVTVEKKTGSFVHAGDEFSLTDLPGIYALDSGNDSNSIDESIASRAV
LTHPADVIINVVDATCLERSLYMTLQLRELRRPMIVVLNKMDALKRERVHLDLKQLEAFLGCPVLALSANNKEQVRRFKE
KLHKLLVQGIALKQIELHYGAEFESLIHELEPMFAEQAVSARALAIRALENDRLVINGLKEAERQNVEQRQHECQVDIDL
LVANVRYTYLHELCTHVRRTE
;
_entity_poly.pdbx_strand_id   A,B,C,D
#
loop_
_chem_comp.id
_chem_comp.type
_chem_comp.name
_chem_comp.formula
GDP RNA linking GUANOSINE-5'-DIPHOSPHATE 'C10 H15 N5 O11 P2'
GOL non-polymer GLYCEROL 'C3 H8 O3'
#
# COMPACT_ATOMS: atom_id res chain seq x y z
N SER A 1 43.21 -35.90 5.35
CA SER A 1 43.28 -34.50 4.93
C SER A 1 42.11 -33.76 5.57
N LYS A 2 42.25 -32.46 5.73
CA LYS A 2 41.16 -31.60 6.20
C LYS A 2 40.89 -30.55 5.13
N TYR A 3 39.64 -30.49 4.67
CA TYR A 3 39.26 -29.58 3.61
C TYR A 3 38.36 -28.50 4.17
N GLN A 4 38.58 -27.26 3.75
CA GLN A 4 37.76 -26.13 4.16
C GLN A 4 36.81 -25.79 3.02
N VAL A 5 35.53 -25.67 3.34
CA VAL A 5 34.47 -25.41 2.37
C VAL A 5 33.69 -24.18 2.80
N LEU A 6 33.41 -23.28 1.84
CA LEU A 6 32.53 -22.14 2.03
C LEU A 6 31.28 -22.34 1.19
N THR A 7 30.10 -22.11 1.78
CA THR A 7 28.84 -22.29 1.06
C THR A 7 28.16 -20.92 0.95
N VAL A 8 27.66 -20.61 -0.24
CA VAL A 8 27.23 -19.25 -0.55
C VAL A 8 26.13 -19.32 -1.61
N GLY A 9 25.18 -18.39 -1.56
CA GLY A 9 24.09 -18.42 -2.53
C GLY A 9 23.08 -17.35 -2.16
N ASN A 10 22.10 -17.16 -3.05
CA ASN A 10 20.98 -16.27 -2.77
C ASN A 10 20.13 -16.86 -1.65
N PRO A 11 19.42 -16.02 -0.88
CA PRO A 11 18.35 -16.56 -0.03
C PRO A 11 17.35 -17.37 -0.86
N ASN A 12 16.80 -18.43 -0.24
CA ASN A 12 15.84 -19.36 -0.85
C ASN A 12 16.45 -20.26 -1.93
N SER A 13 17.78 -20.48 -1.91
CA SER A 13 18.38 -21.41 -2.86
C SER A 13 18.34 -22.86 -2.38
N GLY A 14 18.00 -23.09 -1.12
CA GLY A 14 18.14 -24.39 -0.50
C GLY A 14 19.46 -24.61 0.22
N LYS A 15 20.17 -23.52 0.57
CA LYS A 15 21.50 -23.64 1.16
C LYS A 15 21.43 -24.27 2.56
N THR A 16 20.48 -23.80 3.38
CA THR A 16 20.28 -24.39 4.72
C THR A 16 19.95 -25.87 4.64
N THR A 17 19.06 -26.27 3.71
CA THR A 17 18.73 -27.68 3.52
C THR A 17 19.96 -28.50 3.12
N LEU A 18 20.76 -27.98 2.19
CA LEU A 18 21.97 -28.72 1.80
C LEU A 18 22.96 -28.78 2.95
N PHE A 19 23.12 -27.68 3.66
CA PHE A 19 24.03 -27.64 4.81
C PHE A 19 23.66 -28.71 5.83
N ASN A 20 22.35 -28.80 6.11
CA ASN A 20 21.86 -29.77 7.08
C ASN A 20 22.08 -31.20 6.57
N GLY A 21 21.80 -31.42 5.29
CA GLY A 21 22.04 -32.72 4.68
C GLY A 21 23.50 -33.14 4.77
N LEU A 22 24.43 -32.19 4.59
CA LEU A 22 25.85 -32.51 4.66
C LEU A 22 26.30 -32.76 6.09
N THR A 23 25.87 -31.93 7.03
CA THR A 23 26.48 -31.91 8.35
C THR A 23 25.63 -32.52 9.45
N GLY A 24 24.32 -32.68 9.25
CA GLY A 24 23.44 -33.18 10.30
C GLY A 24 23.60 -32.45 11.62
N ALA A 25 23.81 -33.19 12.70
CA ALA A 25 23.85 -32.55 14.01
C ALA A 25 25.16 -31.84 14.27
N LYS A 26 26.20 -32.10 13.46
CA LYS A 26 27.52 -31.54 13.74
C LYS A 26 27.58 -30.12 13.17
N GLN A 27 26.88 -29.20 13.84
CA GLN A 27 26.85 -27.79 13.48
C GLN A 27 26.98 -26.96 14.73
N GLN A 28 27.54 -25.75 14.57
CA GLN A 28 27.67 -24.79 15.66
C GLN A 28 27.27 -23.42 15.14
N VAL A 29 26.79 -22.55 16.02
CA VAL A 29 26.51 -21.16 15.69
C VAL A 29 27.33 -20.24 16.60
N GLY A 30 28.09 -19.32 16.00
CA GLY A 30 28.88 -18.31 16.69
C GLY A 30 28.66 -16.96 16.03
N ASN A 31 29.74 -16.17 15.93
CA ASN A 31 29.66 -14.81 15.40
C ASN A 31 30.77 -14.58 14.38
N TRP A 32 30.48 -13.80 13.34
CA TRP A 32 31.53 -13.37 12.42
C TRP A 32 32.42 -12.35 13.13
N ALA A 33 33.74 -12.52 12.97
CA ALA A 33 34.70 -11.72 13.71
C ALA A 33 34.50 -10.24 13.45
N GLY A 34 34.32 -9.48 14.53
CA GLY A 34 34.20 -8.04 14.47
C GLY A 34 32.78 -7.52 14.50
N VAL A 35 31.79 -8.38 14.31
CA VAL A 35 30.39 -7.97 14.17
C VAL A 35 29.51 -8.93 14.95
N THR A 36 28.19 -8.69 14.92
CA THR A 36 27.23 -9.52 15.64
C THR A 36 26.44 -10.48 14.76
N VAL A 37 26.76 -10.56 13.47
CA VAL A 37 26.06 -11.46 12.56
C VAL A 37 26.38 -12.90 12.94
N GLU A 38 25.34 -13.75 13.03
CA GLU A 38 25.56 -15.14 13.36
C GLU A 38 26.39 -15.82 12.27
N LYS A 39 27.28 -16.71 12.71
CA LYS A 39 28.18 -17.48 11.85
C LYS A 39 27.94 -18.96 12.11
N LYS A 40 27.48 -19.67 11.09
CA LYS A 40 27.18 -21.10 11.19
C LYS A 40 28.31 -21.94 10.59
N THR A 41 28.83 -22.90 11.38
CA THR A 41 29.84 -23.81 10.86
C THR A 41 29.40 -25.25 11.10
N GLY A 42 30.03 -26.17 10.40
CA GLY A 42 29.68 -27.59 10.52
C GLY A 42 30.80 -28.43 9.95
N SER A 43 30.70 -29.74 10.18
CA SER A 43 31.71 -30.64 9.62
C SER A 43 31.11 -32.00 9.30
N PHE A 44 31.79 -32.74 8.43
CA PHE A 44 31.51 -34.15 8.27
C PHE A 44 32.80 -34.85 7.87
N VAL A 45 32.79 -36.17 7.97
CA VAL A 45 33.92 -37.00 7.58
C VAL A 45 33.48 -37.86 6.41
N HIS A 46 34.33 -37.94 5.39
CA HIS A 46 34.00 -38.80 4.27
C HIS A 46 35.28 -39.52 3.83
N ALA A 47 35.21 -40.85 3.78
CA ALA A 47 36.34 -41.69 3.34
C ALA A 47 37.65 -41.26 3.97
N GLY A 48 37.61 -41.02 5.28
CA GLY A 48 38.81 -40.75 6.06
C GLY A 48 39.24 -39.31 6.14
N ASP A 49 38.66 -38.41 5.33
CA ASP A 49 39.05 -37.00 5.33
C ASP A 49 37.97 -36.17 6.00
N GLU A 50 38.39 -35.05 6.61
CA GLU A 50 37.48 -34.17 7.31
C GLU A 50 37.14 -32.98 6.44
N PHE A 51 35.87 -32.57 6.49
CA PHE A 51 35.36 -31.45 5.70
C PHE A 51 34.81 -30.45 6.69
N SER A 52 35.44 -29.29 6.77
CA SER A 52 35.00 -28.20 7.64
C SER A 52 34.23 -27.15 6.83
N LEU A 53 32.96 -26.94 7.16
CA LEU A 53 32.07 -26.09 6.38
C LEU A 53 31.81 -24.77 7.11
N THR A 54 31.83 -23.66 6.37
CA THR A 54 31.42 -22.38 6.91
C THR A 54 30.32 -21.86 5.98
N ASP A 55 29.17 -21.53 6.53
CA ASP A 55 28.07 -20.98 5.74
C ASP A 55 28.14 -19.46 5.68
N LEU A 56 27.79 -18.88 4.50
CA LEU A 56 27.71 -17.43 4.47
C LEU A 56 26.24 -17.00 4.43
N PRO A 57 25.86 -15.91 5.11
CA PRO A 57 24.48 -15.43 5.04
C PRO A 57 24.09 -15.18 3.59
N GLY A 58 22.83 -15.47 3.25
CA GLY A 58 22.38 -15.38 1.87
C GLY A 58 22.43 -13.95 1.33
N ILE A 59 23.04 -13.76 0.16
CA ILE A 59 23.13 -12.47 -0.49
C ILE A 59 22.85 -12.63 -1.98
N TYR A 60 22.48 -11.53 -2.63
CA TYR A 60 22.19 -11.56 -4.06
C TYR A 60 23.32 -11.03 -4.89
N ALA A 61 24.24 -10.30 -4.27
CA ALA A 61 25.40 -9.74 -4.96
C ALA A 61 26.48 -9.48 -3.91
N LEU A 62 27.73 -9.39 -4.35
CA LEU A 62 28.81 -8.96 -3.48
C LEU A 62 28.72 -7.47 -3.19
N ASP A 63 29.52 -7.03 -2.22
CA ASP A 63 29.47 -5.64 -1.75
C ASP A 63 29.78 -4.66 -2.88
N SER A 64 28.94 -3.62 -3.02
CA SER A 64 29.21 -2.57 -4.02
C SER A 64 29.15 -1.18 -3.38
N GLY A 65 29.35 -1.09 -2.08
CA GLY A 65 29.42 0.19 -1.39
C GLY A 65 28.12 0.95 -1.45
N ASN A 66 27.01 0.27 -1.18
CA ASN A 66 25.68 0.81 -1.33
C ASN A 66 24.98 0.78 0.02
N ASP A 67 24.19 1.81 0.30
CA ASP A 67 23.49 2.06 1.58
C ASP A 67 24.46 2.60 2.62
N ILE A 71 24.90 -5.29 5.72
CA ILE A 71 26.02 -5.89 6.45
C ILE A 71 26.33 -7.29 5.89
N ASP A 72 25.28 -8.06 5.53
CA ASP A 72 25.47 -9.39 4.97
C ASP A 72 26.33 -9.36 3.71
N GLU A 73 26.05 -8.42 2.81
CA GLU A 73 26.86 -8.34 1.60
C GLU A 73 28.32 -8.08 1.93
N SER A 74 28.59 -7.31 2.99
CA SER A 74 29.97 -7.04 3.37
C SER A 74 30.61 -8.29 3.94
N ILE A 75 29.87 -9.04 4.75
CA ILE A 75 30.41 -10.29 5.30
C ILE A 75 30.73 -11.28 4.18
N ALA A 76 29.82 -11.39 3.21
CA ALA A 76 30.05 -12.29 2.10
C ALA A 76 31.26 -11.87 1.29
N SER A 77 31.37 -10.57 0.99
CA SER A 77 32.52 -10.08 0.25
C SER A 77 33.81 -10.35 1.01
N ARG A 78 33.78 -10.11 2.31
CA ARG A 78 34.99 -10.35 3.08
C ARG A 78 35.39 -11.81 2.99
N ALA A 79 34.43 -12.71 3.16
CA ALA A 79 34.74 -14.14 3.19
C ALA A 79 35.20 -14.63 1.83
N VAL A 80 34.50 -14.23 0.77
CA VAL A 80 34.86 -14.65 -0.56
C VAL A 80 36.22 -14.10 -0.98
N LEU A 81 36.60 -12.92 -0.49
CA LEU A 81 37.92 -12.39 -0.78
C LEU A 81 39.02 -13.01 0.09
N THR A 82 38.73 -13.26 1.37
CA THR A 82 39.82 -13.53 2.31
C THR A 82 39.69 -14.80 3.14
N HIS A 83 38.53 -15.46 3.20
CA HIS A 83 38.41 -16.65 4.06
C HIS A 83 39.09 -17.86 3.42
N PRO A 84 39.81 -18.68 4.18
CA PRO A 84 40.41 -19.87 3.57
C PRO A 84 39.29 -20.77 3.09
N ALA A 85 39.48 -21.34 1.92
CA ALA A 85 38.56 -22.36 1.46
C ALA A 85 39.26 -23.14 0.38
N ASP A 86 39.25 -24.47 0.47
CA ASP A 86 39.72 -25.25 -0.65
C ASP A 86 38.74 -25.16 -1.79
N VAL A 87 37.46 -24.93 -1.48
CA VAL A 87 36.45 -24.76 -2.52
C VAL A 87 35.30 -23.91 -2.00
N ILE A 88 34.76 -23.06 -2.88
CA ILE A 88 33.52 -22.36 -2.60
C ILE A 88 32.39 -23.12 -3.28
N ILE A 89 31.35 -23.48 -2.53
CA ILE A 89 30.16 -24.14 -3.10
C ILE A 89 29.07 -23.07 -3.25
N ASN A 90 28.79 -22.68 -4.49
CA ASN A 90 27.74 -21.71 -4.82
C ASN A 90 26.43 -22.47 -5.07
N VAL A 91 25.49 -22.43 -4.12
CA VAL A 91 24.19 -23.08 -4.28
C VAL A 91 23.25 -22.16 -5.09
N VAL A 92 22.73 -22.65 -6.19
CA VAL A 92 21.87 -21.91 -7.11
C VAL A 92 20.54 -22.62 -7.22
N ASP A 93 19.44 -21.87 -7.14
CA ASP A 93 18.11 -22.41 -7.46
C ASP A 93 17.99 -22.54 -8.97
N ALA A 94 17.96 -23.79 -9.45
CA ALA A 94 17.92 -24.06 -10.88
C ALA A 94 16.68 -23.49 -11.55
N THR A 95 15.60 -23.25 -10.80
CA THR A 95 14.41 -22.68 -11.43
C THR A 95 14.48 -21.18 -11.60
N CYS A 96 15.56 -20.53 -11.13
CA CYS A 96 15.65 -19.07 -11.16
C CYS A 96 17.05 -18.64 -11.64
N LEU A 97 17.46 -19.14 -12.81
CA LEU A 97 18.87 -19.11 -13.19
C LEU A 97 19.38 -17.69 -13.45
N GLU A 98 18.63 -16.88 -14.20
CA GLU A 98 19.12 -15.57 -14.60
C GLU A 98 19.47 -14.71 -13.39
N ARG A 99 18.61 -14.72 -12.37
CA ARG A 99 18.86 -13.90 -11.18
C ARG A 99 19.96 -14.51 -10.30
N SER A 100 19.95 -15.83 -10.13
CA SER A 100 20.91 -16.50 -9.24
C SER A 100 22.33 -16.47 -9.80
N LEU A 101 22.47 -16.56 -11.12
CA LEU A 101 23.81 -16.70 -11.67
C LEU A 101 24.54 -15.35 -11.73
N TYR A 102 23.85 -14.25 -11.38
CA TYR A 102 24.53 -12.94 -11.29
C TYR A 102 25.68 -12.98 -10.30
N MET A 103 25.41 -13.39 -9.07
CA MET A 103 26.49 -13.57 -8.10
C MET A 103 27.48 -14.66 -8.54
N THR A 104 27.03 -15.74 -9.19
CA THR A 104 27.96 -16.73 -9.73
C THR A 104 29.04 -16.11 -10.61
N LEU A 105 28.67 -15.16 -11.48
CA LEU A 105 29.64 -14.54 -12.35
C LEU A 105 30.64 -13.72 -11.54
N GLN A 106 30.16 -13.02 -10.51
CA GLN A 106 31.08 -12.23 -9.67
C GLN A 106 32.06 -13.15 -8.97
N LEU A 107 31.56 -14.28 -8.46
CA LEU A 107 32.43 -15.26 -7.84
C LEU A 107 33.42 -15.85 -8.83
N ARG A 108 32.98 -16.14 -10.06
CA ARG A 108 33.88 -16.72 -11.04
C ARG A 108 35.02 -15.75 -11.41
N GLU A 109 34.74 -14.45 -11.44
CA GLU A 109 35.81 -13.48 -11.73
C GLU A 109 36.97 -13.54 -10.73
N LEU A 110 36.67 -13.92 -9.48
CA LEU A 110 37.70 -14.01 -8.45
C LEU A 110 38.75 -15.05 -8.78
N ARG A 111 38.36 -16.05 -9.58
CA ARG A 111 39.23 -17.17 -9.94
C ARG A 111 39.63 -18.02 -8.75
N ARG A 112 38.83 -18.04 -7.69
CA ARG A 112 39.09 -18.99 -6.62
C ARG A 112 38.42 -20.32 -6.99
N PRO A 113 38.95 -21.45 -6.54
CA PRO A 113 38.28 -22.72 -6.81
C PRO A 113 36.86 -22.76 -6.29
N MET A 114 35.94 -23.16 -7.15
CA MET A 114 34.53 -23.15 -6.79
C MET A 114 33.80 -24.17 -7.63
N ILE A 115 32.63 -24.57 -7.14
CA ILE A 115 31.70 -25.40 -7.89
C ILE A 115 30.30 -24.76 -7.79
N VAL A 116 29.50 -24.94 -8.83
CA VAL A 116 28.11 -24.50 -8.85
C VAL A 116 27.23 -25.71 -8.58
N VAL A 117 26.44 -25.66 -7.52
CA VAL A 117 25.45 -26.70 -7.23
C VAL A 117 24.08 -26.18 -7.64
N LEU A 118 23.48 -26.82 -8.64
CA LEU A 118 22.13 -26.46 -9.09
C LEU A 118 21.14 -27.22 -8.23
N ASN A 119 20.39 -26.51 -7.38
CA ASN A 119 19.49 -27.19 -6.47
C ASN A 119 18.07 -27.15 -7.02
N LYS A 120 17.19 -27.96 -6.44
CA LYS A 120 15.77 -27.99 -6.77
C LYS A 120 15.54 -28.55 -8.19
N MET A 121 16.38 -29.51 -8.61
CA MET A 121 16.19 -30.14 -9.92
C MET A 121 14.85 -30.86 -10.00
N ASP A 122 14.34 -31.32 -8.87
CA ASP A 122 12.98 -31.86 -8.82
C ASP A 122 11.94 -30.80 -9.16
N ALA A 123 12.11 -29.57 -8.68
CA ALA A 123 11.15 -28.53 -9.04
C ALA A 123 11.25 -28.18 -10.52
N LEU A 124 12.47 -28.22 -11.07
CA LEU A 124 12.68 -27.94 -12.49
C LEU A 124 11.97 -28.97 -13.35
N LYS A 125 12.05 -30.25 -12.96
CA LYS A 125 11.38 -31.31 -13.71
C LYS A 125 9.88 -31.09 -13.77
N ARG A 126 9.28 -30.63 -12.66
CA ARG A 126 7.84 -30.39 -12.64
C ARG A 126 7.42 -29.29 -13.61
N GLU A 127 8.32 -28.38 -13.94
CA GLU A 127 8.04 -27.33 -14.90
C GLU A 127 8.34 -27.77 -16.32
N ARG A 128 8.84 -28.99 -16.50
CA ARG A 128 9.19 -29.55 -17.82
C ARG A 128 10.31 -28.76 -18.50
N VAL A 129 11.29 -28.33 -17.71
CA VAL A 129 12.45 -27.61 -18.23
C VAL A 129 13.65 -28.53 -18.19
N HIS A 130 14.43 -28.52 -19.27
CA HIS A 130 15.64 -29.33 -19.35
C HIS A 130 16.85 -28.40 -19.41
N LEU A 131 17.90 -28.73 -18.65
CA LEU A 131 19.13 -27.94 -18.65
C LEU A 131 20.29 -28.76 -19.19
N ASP A 132 21.00 -28.19 -20.15
CA ASP A 132 22.17 -28.87 -20.73
C ASP A 132 23.36 -28.56 -19.81
N LEU A 133 23.73 -29.52 -18.96
CA LEU A 133 24.73 -29.22 -17.93
C LEU A 133 26.14 -29.09 -18.51
N LYS A 134 26.47 -29.82 -19.58
CA LYS A 134 27.75 -29.63 -20.24
C LYS A 134 27.87 -28.21 -20.82
N GLN A 135 26.79 -27.68 -21.39
CA GLN A 135 26.86 -26.31 -21.91
C GLN A 135 27.01 -25.32 -20.76
N LEU A 136 26.32 -25.58 -19.65
CA LEU A 136 26.42 -24.70 -18.49
C LEU A 136 27.84 -24.68 -17.96
N GLU A 137 28.47 -25.86 -17.89
CA GLU A 137 29.86 -25.94 -17.48
C GLU A 137 30.77 -25.19 -18.45
N ALA A 138 30.47 -25.26 -19.76
CA ALA A 138 31.23 -24.51 -20.74
C ALA A 138 31.12 -23.01 -20.55
N PHE A 139 29.91 -22.50 -20.27
CA PHE A 139 29.75 -21.06 -20.11
C PHE A 139 30.35 -20.54 -18.80
N LEU A 140 30.30 -21.32 -17.73
CA LEU A 140 30.79 -20.87 -16.42
C LEU A 140 32.27 -21.20 -16.18
N GLY A 141 32.78 -22.23 -16.83
CA GLY A 141 34.19 -22.55 -16.69
C GLY A 141 34.58 -23.13 -15.33
N CYS A 142 33.64 -23.80 -14.66
CA CYS A 142 33.88 -24.48 -13.40
C CYS A 142 32.94 -25.68 -13.34
N PRO A 143 33.17 -26.62 -12.44
CA PRO A 143 32.29 -27.79 -12.37
C PRO A 143 30.89 -27.40 -11.94
N VAL A 144 29.91 -28.11 -12.52
CA VAL A 144 28.51 -27.92 -12.19
C VAL A 144 27.93 -29.25 -11.78
N LEU A 145 27.40 -29.33 -10.57
CA LEU A 145 26.76 -30.54 -10.05
C LEU A 145 25.28 -30.22 -9.84
N ALA A 146 24.40 -31.14 -10.22
CA ALA A 146 22.95 -30.89 -10.09
C ALA A 146 22.34 -31.87 -9.11
N LEU A 147 21.39 -31.40 -8.31
CA LEU A 147 20.74 -32.25 -7.32
C LEU A 147 19.45 -31.64 -6.79
N SER A 148 18.79 -32.41 -5.93
CA SER A 148 17.75 -31.91 -5.01
C SER A 148 18.26 -32.16 -3.60
N ALA A 149 18.53 -31.05 -2.90
CA ALA A 149 19.10 -31.14 -1.56
C ALA A 149 18.14 -31.75 -0.55
N ASN A 150 16.85 -31.85 -0.88
CA ASN A 150 15.90 -32.54 -0.01
C ASN A 150 15.93 -34.06 -0.17
N ASN A 151 16.88 -34.61 -0.95
CA ASN A 151 17.00 -36.04 -1.21
C ASN A 151 18.30 -36.53 -0.59
N LYS A 152 18.18 -37.35 0.46
CA LYS A 152 19.38 -37.74 1.22
C LYS A 152 20.35 -38.57 0.37
N GLU A 153 19.84 -39.36 -0.57
CA GLU A 153 20.70 -40.16 -1.42
C GLU A 153 21.52 -39.29 -2.37
N GLN A 154 20.91 -38.25 -2.95
CA GLN A 154 21.61 -37.37 -3.86
C GLN A 154 22.65 -36.54 -3.11
N VAL A 155 22.38 -36.19 -1.86
CA VAL A 155 23.38 -35.50 -1.04
C VAL A 155 24.54 -36.43 -0.71
N ARG A 156 24.27 -37.70 -0.43
CA ARG A 156 25.39 -38.60 -0.16
C ARG A 156 26.23 -38.80 -1.42
N ARG A 157 25.59 -38.91 -2.59
CA ARG A 157 26.34 -38.99 -3.85
C ARG A 157 27.14 -37.71 -4.12
N PHE A 158 26.52 -36.55 -3.86
CA PHE A 158 27.24 -35.28 -3.95
C PHE A 158 28.53 -35.29 -3.13
N LYS A 159 28.48 -35.84 -1.91
CA LYS A 159 29.69 -35.94 -1.09
C LYS A 159 30.81 -36.68 -1.83
N GLU A 160 30.48 -37.77 -2.52
CA GLU A 160 31.49 -38.52 -3.26
C GLU A 160 32.09 -37.67 -4.36
N LYS A 161 31.23 -36.99 -5.14
CA LYS A 161 31.73 -36.17 -6.24
C LYS A 161 32.55 -35.00 -5.74
N LEU A 162 32.07 -34.33 -4.67
CA LEU A 162 32.79 -33.23 -4.06
C LEU A 162 34.15 -33.71 -3.56
N HIS A 163 34.16 -34.83 -2.86
CA HIS A 163 35.45 -35.34 -2.39
C HIS A 163 36.41 -35.60 -3.56
N LYS A 164 35.91 -36.22 -4.62
CA LYS A 164 36.79 -36.51 -5.75
C LYS A 164 37.33 -35.23 -6.38
N LEU A 165 36.49 -34.20 -6.54
CA LEU A 165 36.98 -32.95 -7.11
C LEU A 165 38.03 -32.33 -6.22
N LEU A 166 37.85 -32.41 -4.90
CA LEU A 166 38.82 -31.74 -4.03
C LEU A 166 40.15 -32.46 -4.06
N VAL A 167 40.12 -33.78 -4.23
CA VAL A 167 41.39 -34.52 -4.31
C VAL A 167 42.08 -34.26 -5.64
N GLN A 168 41.30 -34.20 -6.74
CA GLN A 168 41.85 -33.90 -8.05
C GLN A 168 42.44 -32.51 -8.13
N GLY A 169 41.84 -31.55 -7.41
CA GLY A 169 42.10 -30.15 -7.64
C GLY A 169 41.14 -29.63 -8.68
N ILE A 170 40.59 -28.44 -8.50
CA ILE A 170 39.51 -27.97 -9.37
C ILE A 170 40.08 -27.22 -10.57
N ALA A 171 39.72 -27.69 -11.77
CA ALA A 171 40.18 -27.10 -13.02
C ALA A 171 39.24 -25.97 -13.43
N LEU A 172 39.77 -24.76 -13.53
CA LEU A 172 38.99 -23.59 -13.89
C LEU A 172 39.37 -23.12 -15.30
N LYS A 173 38.37 -22.71 -16.07
CA LYS A 173 38.58 -21.93 -17.29
C LYS A 173 37.94 -20.56 -17.05
N GLN A 174 38.76 -19.51 -17.08
CA GLN A 174 38.24 -18.22 -16.65
C GLN A 174 37.23 -17.69 -17.67
N ILE A 175 36.26 -16.94 -17.15
CA ILE A 175 35.13 -16.52 -17.99
C ILE A 175 35.55 -15.39 -18.92
N GLU A 176 35.20 -15.54 -20.20
CA GLU A 176 35.32 -14.45 -21.15
C GLU A 176 34.12 -13.52 -20.93
N LEU A 177 34.29 -12.65 -19.93
CA LEU A 177 33.41 -11.52 -19.67
C LEU A 177 34.21 -10.28 -20.03
N HIS A 178 33.79 -9.59 -21.09
CA HIS A 178 34.48 -8.39 -21.53
C HIS A 178 33.55 -7.20 -21.38
N TYR A 179 34.03 -6.17 -20.69
CA TYR A 179 33.16 -5.08 -20.29
C TYR A 179 33.19 -3.90 -21.25
N GLY A 180 33.75 -4.07 -22.43
CA GLY A 180 33.86 -2.97 -23.37
C GLY A 180 35.22 -2.28 -23.27
N ALA A 181 35.63 -1.72 -24.41
CA ALA A 181 36.94 -1.05 -24.50
C ALA A 181 37.17 -0.07 -23.36
N GLU A 182 36.19 0.82 -23.09
CA GLU A 182 36.41 1.88 -22.10
C GLU A 182 36.60 1.33 -20.69
N PHE A 183 35.69 0.46 -20.23
CA PHE A 183 35.81 -0.06 -18.87
C PHE A 183 37.03 -0.96 -18.75
N GLU A 184 37.30 -1.76 -19.78
CA GLU A 184 38.48 -2.61 -19.77
C GLU A 184 39.76 -1.78 -19.67
N SER A 185 39.77 -0.57 -20.25
CA SER A 185 40.96 0.26 -20.11
C SER A 185 41.13 0.71 -18.67
N LEU A 186 40.02 1.00 -17.98
CA LEU A 186 40.08 1.35 -16.57
C LEU A 186 40.54 0.18 -15.71
N ILE A 187 40.05 -1.02 -16.02
CA ILE A 187 40.50 -2.20 -15.30
C ILE A 187 42.00 -2.37 -15.46
N HIS A 188 42.48 -2.26 -16.72
CA HIS A 188 43.89 -2.39 -17.02
C HIS A 188 44.71 -1.33 -16.28
N GLU A 189 44.13 -0.16 -16.03
CA GLU A 189 44.86 0.90 -15.32
C GLU A 189 45.04 0.56 -13.84
N LEU A 190 44.05 -0.11 -13.23
CA LEU A 190 44.09 -0.38 -11.80
C LEU A 190 44.73 -1.70 -11.44
N GLU A 191 44.71 -2.67 -12.36
CA GLU A 191 45.20 -4.02 -12.07
C GLU A 191 46.56 -4.02 -11.39
N PRO A 192 47.57 -3.23 -11.83
CA PRO A 192 48.88 -3.30 -11.15
C PRO A 192 48.82 -3.03 -9.65
N MET A 193 47.91 -2.19 -9.16
CA MET A 193 47.92 -1.95 -7.71
C MET A 193 47.38 -3.16 -6.96
N PHE A 194 46.76 -4.11 -7.64
CA PHE A 194 46.15 -5.25 -6.97
C PHE A 194 46.92 -6.54 -7.23
N ALA A 195 48.13 -6.45 -7.74
CA ALA A 195 48.93 -7.65 -7.97
C ALA A 195 49.45 -8.20 -6.63
N GLU A 196 49.83 -9.47 -6.65
CA GLU A 196 50.42 -10.10 -5.47
C GLU A 196 49.38 -10.16 -4.33
N GLN A 197 48.13 -10.45 -4.68
CA GLN A 197 47.07 -10.67 -3.69
C GLN A 197 46.53 -12.08 -3.80
N ALA A 198 45.70 -12.47 -2.84
CA ALA A 198 45.17 -13.84 -2.82
C ALA A 198 44.11 -14.07 -3.88
N VAL A 199 43.57 -13.01 -4.45
CA VAL A 199 42.55 -13.09 -5.49
C VAL A 199 43.07 -12.36 -6.73
N SER A 200 42.64 -12.84 -7.90
CA SER A 200 42.91 -12.23 -9.20
C SER A 200 42.94 -10.70 -9.16
N ALA A 201 44.01 -10.12 -9.72
CA ALA A 201 44.11 -8.66 -9.75
C ALA A 201 43.02 -8.04 -10.62
N ARG A 202 42.66 -8.71 -11.72
CA ARG A 202 41.53 -8.27 -12.54
C ARG A 202 40.26 -8.14 -11.71
N ALA A 203 39.92 -9.18 -10.94
CA ALA A 203 38.69 -9.15 -10.16
C ALA A 203 38.72 -8.03 -9.12
N LEU A 204 39.87 -7.83 -8.47
CA LEU A 204 39.98 -6.78 -7.46
C LEU A 204 39.81 -5.39 -8.08
N ALA A 205 40.37 -5.19 -9.28
CA ALA A 205 40.19 -3.91 -9.97
C ALA A 205 38.73 -3.66 -10.31
N ILE A 206 38.03 -4.70 -10.80
CA ILE A 206 36.60 -4.58 -11.07
C ILE A 206 35.85 -4.29 -9.78
N ARG A 207 36.18 -5.01 -8.70
CA ARG A 207 35.49 -4.78 -7.44
C ARG A 207 35.77 -3.36 -6.94
N ALA A 208 37.02 -2.89 -7.08
CA ALA A 208 37.32 -1.52 -6.68
C ALA A 208 36.47 -0.53 -7.47
N LEU A 209 36.35 -0.74 -8.78
CA LEU A 209 35.54 0.18 -9.60
C LEU A 209 34.07 0.12 -9.21
N GLU A 210 33.59 -1.07 -8.84
CA GLU A 210 32.25 -1.25 -8.28
C GLU A 210 32.14 -0.69 -6.87
N ASN A 211 33.25 -0.22 -6.30
CA ASN A 211 33.28 0.43 -4.99
C ASN A 211 33.05 -0.56 -3.85
N ASP A 212 33.53 -1.80 -4.03
CA ASP A 212 33.44 -2.85 -3.00
C ASP A 212 34.21 -2.38 -1.76
N ARG A 213 33.51 -2.22 -0.63
CA ARG A 213 34.10 -1.61 0.56
C ARG A 213 35.29 -2.42 1.08
N LEU A 214 35.22 -3.74 1.02
CA LEU A 214 36.33 -4.55 1.50
C LEU A 214 37.61 -4.26 0.73
N VAL A 215 37.47 -3.98 -0.58
CA VAL A 215 38.63 -3.67 -1.40
C VAL A 215 39.12 -2.25 -1.12
N ILE A 216 38.20 -1.30 -1.13
CA ILE A 216 38.52 0.12 -0.98
C ILE A 216 39.11 0.39 0.40
N ASN A 217 38.50 -0.19 1.42
CA ASN A 217 38.89 0.10 2.80
C ASN A 217 40.37 -0.20 3.07
N GLY A 218 40.94 -1.15 2.34
CA GLY A 218 42.34 -1.49 2.52
C GLY A 218 43.31 -0.60 1.79
N LEU A 219 42.83 0.44 1.11
CA LEU A 219 43.70 1.24 0.26
C LEU A 219 44.22 2.46 1.03
N LYS A 220 45.47 2.81 0.77
CA LYS A 220 46.01 4.07 1.24
C LYS A 220 45.36 5.22 0.48
N GLU A 221 45.41 6.41 1.09
CA GLU A 221 44.69 7.56 0.55
C GLU A 221 45.02 7.81 -0.92
N ALA A 222 46.30 7.67 -1.30
CA ALA A 222 46.68 7.94 -2.69
C ALA A 222 46.13 6.87 -3.62
N GLU A 223 46.21 5.60 -3.19
CA GLU A 223 45.56 4.52 -3.95
C GLU A 223 44.06 4.79 -4.06
N ARG A 224 43.42 5.12 -2.94
CA ARG A 224 41.99 5.41 -2.93
C ARG A 224 41.65 6.55 -3.88
N GLN A 225 42.49 7.58 -3.93
CA GLN A 225 42.25 8.71 -4.81
C GLN A 225 42.34 8.27 -6.27
N ASN A 226 43.29 7.39 -6.58
CA ASN A 226 43.45 6.90 -7.94
C ASN A 226 42.21 6.12 -8.37
N VAL A 227 41.66 5.30 -7.47
CA VAL A 227 40.43 4.56 -7.78
C VAL A 227 39.29 5.53 -8.06
N GLU A 228 39.07 6.50 -7.18
CA GLU A 228 37.93 7.38 -7.39
C GLU A 228 38.11 8.28 -8.61
N GLN A 229 39.34 8.48 -9.07
CA GLN A 229 39.58 9.19 -10.32
C GLN A 229 39.11 8.37 -11.51
N ARG A 230 39.53 7.10 -11.56
CA ARG A 230 39.13 6.22 -12.65
C ARG A 230 37.62 5.97 -12.66
N GLN A 231 36.98 5.98 -11.49
CA GLN A 231 35.52 5.93 -11.46
C GLN A 231 34.90 7.13 -12.18
N HIS A 232 35.45 8.33 -11.96
CA HIS A 232 34.95 9.51 -12.65
C HIS A 232 35.28 9.51 -14.13
N GLU A 233 36.36 8.83 -14.54
CA GLU A 233 36.68 8.75 -15.96
C GLU A 233 35.62 7.99 -16.73
N CYS A 234 34.88 7.11 -16.07
CA CYS A 234 33.85 6.34 -16.76
C CYS A 234 32.70 7.26 -17.15
N GLN A 235 32.42 7.32 -18.45
CA GLN A 235 31.40 8.23 -18.96
C GLN A 235 30.01 7.80 -18.54
N VAL A 236 29.82 6.52 -18.21
CA VAL A 236 28.52 5.96 -17.90
C VAL A 236 28.55 5.38 -16.48
N ASP A 237 27.36 5.05 -15.97
CA ASP A 237 27.24 4.60 -14.60
C ASP A 237 27.80 3.18 -14.44
N ILE A 238 28.78 3.02 -13.56
CA ILE A 238 29.52 1.76 -13.46
C ILE A 238 28.60 0.62 -13.04
N ASP A 239 27.76 0.86 -12.02
CA ASP A 239 26.86 -0.20 -11.57
C ASP A 239 25.96 -0.67 -12.69
N LEU A 240 25.43 0.25 -13.51
CA LEU A 240 24.60 -0.18 -14.64
C LEU A 240 25.44 -0.86 -15.71
N LEU A 241 26.66 -0.37 -15.95
CA LEU A 241 27.50 -0.98 -16.97
C LEU A 241 27.77 -2.45 -16.66
N VAL A 242 28.22 -2.75 -15.44
CA VAL A 242 28.61 -4.13 -15.13
C VAL A 242 27.40 -5.05 -15.09
N ALA A 243 26.25 -4.55 -14.62
CA ALA A 243 25.03 -5.35 -14.66
C ALA A 243 24.64 -5.71 -16.10
N ASN A 244 24.65 -4.71 -17.03
CA ASN A 244 24.34 -4.98 -18.43
C ASN A 244 25.25 -6.04 -19.03
N VAL A 245 26.56 -5.94 -18.76
CA VAL A 245 27.47 -6.95 -19.29
C VAL A 245 27.15 -8.31 -18.71
N ARG A 246 26.90 -8.37 -17.39
CA ARG A 246 26.68 -9.68 -16.79
C ARG A 246 25.35 -10.27 -17.26
N TYR A 247 24.28 -9.46 -17.25
CA TYR A 247 22.98 -10.01 -17.67
C TYR A 247 22.91 -10.32 -19.16
N THR A 248 23.66 -9.61 -20.01
CA THR A 248 23.77 -10.04 -21.41
C THR A 248 24.39 -11.43 -21.55
N TYR A 249 25.49 -11.66 -20.83
CA TYR A 249 26.10 -12.98 -20.87
C TYR A 249 25.11 -14.03 -20.40
N LEU A 250 24.31 -13.70 -19.37
CA LEU A 250 23.44 -14.73 -18.79
C LEU A 250 22.27 -15.02 -19.72
N HIS A 251 21.81 -13.98 -20.44
CA HIS A 251 20.79 -14.21 -21.45
C HIS A 251 21.32 -15.18 -22.50
N GLU A 252 22.57 -14.97 -22.94
CA GLU A 252 23.17 -15.88 -23.92
C GLU A 252 23.33 -17.27 -23.34
N LEU A 253 23.78 -17.36 -22.09
CA LEU A 253 23.89 -18.66 -21.43
C LEU A 253 22.55 -19.42 -21.44
N CYS A 254 21.49 -18.74 -21.00
CA CYS A 254 20.20 -19.41 -20.85
C CYS A 254 19.63 -19.87 -22.19
N THR A 255 19.94 -19.15 -23.27
CA THR A 255 19.46 -19.55 -24.58
C THR A 255 20.07 -20.87 -25.04
N HIS A 256 21.31 -21.14 -24.62
CA HIS A 256 21.98 -22.37 -25.02
C HIS A 256 21.83 -23.50 -24.02
N VAL A 257 21.46 -23.20 -22.78
CA VAL A 257 21.41 -24.21 -21.73
C VAL A 257 19.99 -24.71 -21.48
N ARG A 258 18.99 -23.82 -21.61
CA ARG A 258 17.65 -24.04 -21.08
C ARG A 258 16.69 -24.38 -22.21
N ARG A 259 16.02 -25.54 -22.10
CA ARG A 259 15.07 -25.97 -23.13
C ARG A 259 13.77 -26.44 -22.49
N THR A 260 12.66 -26.13 -23.14
CA THR A 260 11.36 -26.60 -22.68
C THR A 260 10.94 -27.83 -23.47
N SER B 1 9.50 -12.30 -2.58
CA SER B 1 10.02 -11.59 -1.43
C SER B 1 11.21 -10.69 -1.78
N LYS B 2 11.93 -10.99 -2.85
CA LYS B 2 12.92 -10.06 -3.41
C LYS B 2 12.44 -9.60 -4.79
N TYR B 3 12.17 -8.31 -4.94
CA TYR B 3 11.63 -7.80 -6.19
C TYR B 3 12.66 -6.92 -6.91
N GLN B 4 12.74 -7.07 -8.24
CA GLN B 4 13.62 -6.26 -9.08
C GLN B 4 12.76 -5.24 -9.81
N VAL B 5 13.06 -3.96 -9.62
CA VAL B 5 12.28 -2.85 -10.19
C VAL B 5 13.21 -2.01 -11.04
N LEU B 6 12.80 -1.71 -12.28
CA LEU B 6 13.55 -0.80 -13.14
C LEU B 6 12.73 0.47 -13.30
N THR B 7 13.39 1.63 -13.29
CA THR B 7 12.72 2.90 -13.56
C THR B 7 13.22 3.46 -14.88
N VAL B 8 12.29 3.93 -15.74
CA VAL B 8 12.63 4.25 -17.12
C VAL B 8 11.76 5.45 -17.52
N GLY B 9 12.33 6.39 -18.23
CA GLY B 9 11.54 7.58 -18.61
C GLY B 9 12.41 8.57 -19.35
N ASN B 10 11.76 9.65 -19.85
CA ASN B 10 12.52 10.73 -20.49
C ASN B 10 13.36 11.47 -19.45
N PRO B 11 14.40 12.18 -19.91
CA PRO B 11 15.06 13.15 -19.03
C PRO B 11 14.07 14.15 -18.42
N ASN B 12 14.33 14.52 -17.16
CA ASN B 12 13.55 15.51 -16.42
C ASN B 12 12.11 15.09 -16.11
N SER B 13 11.82 13.80 -16.12
CA SER B 13 10.49 13.35 -15.73
C SER B 13 10.32 13.23 -14.23
N GLY B 14 11.38 13.30 -13.45
CA GLY B 14 11.32 13.12 -12.01
C GLY B 14 11.84 11.75 -11.47
N LYS B 15 12.60 11.01 -12.27
CA LYS B 15 13.08 9.68 -11.86
CA LYS B 15 13.10 9.69 -11.87
C LYS B 15 14.01 9.77 -10.65
N THR B 16 14.99 10.68 -10.68
CA THR B 16 15.87 10.86 -9.52
C THR B 16 15.07 11.20 -8.27
N THR B 17 14.10 12.13 -8.38
CA THR B 17 13.28 12.50 -7.24
C THR B 17 12.53 11.30 -6.68
N LEU B 18 11.95 10.47 -7.54
CA LEU B 18 11.22 9.31 -7.05
C LEU B 18 12.18 8.27 -6.47
N PHE B 19 13.33 8.10 -7.10
CA PHE B 19 14.32 7.15 -6.61
C PHE B 19 14.79 7.55 -5.21
N ASN B 20 15.12 8.82 -5.03
CA ASN B 20 15.53 9.31 -3.71
C ASN B 20 14.42 9.12 -2.69
N GLY B 21 13.18 9.40 -3.09
CA GLY B 21 12.06 9.21 -2.18
C GLY B 21 11.85 7.77 -1.77
N LEU B 22 12.02 6.83 -2.70
CA LEU B 22 11.76 5.42 -2.39
C LEU B 22 12.88 4.80 -1.54
N THR B 23 14.12 5.17 -1.83
CA THR B 23 15.28 4.60 -1.17
C THR B 23 15.75 5.37 0.06
N GLY B 24 15.20 6.56 0.30
CA GLY B 24 15.64 7.39 1.42
C GLY B 24 17.14 7.67 1.43
N GLU B 38 26.15 9.80 -7.71
CA GLU B 38 26.82 8.60 -7.21
C GLU B 38 26.13 7.33 -7.76
N LYS B 39 25.28 6.66 -6.97
CA LYS B 39 24.76 5.35 -7.36
C LYS B 39 23.43 5.47 -8.06
N LYS B 40 23.25 4.70 -9.14
CA LYS B 40 21.96 4.58 -9.81
C LYS B 40 21.19 3.33 -9.44
N THR B 41 21.71 2.56 -8.48
CA THR B 41 20.97 1.43 -7.93
C THR B 41 20.83 1.61 -6.43
N GLY B 42 19.74 1.07 -5.90
CA GLY B 42 19.42 1.23 -4.51
C GLY B 42 18.48 0.13 -4.10
N SER B 43 18.03 0.21 -2.86
CA SER B 43 17.09 -0.77 -2.38
C SER B 43 16.22 -0.14 -1.31
N PHE B 44 15.11 -0.79 -1.02
CA PHE B 44 14.38 -0.51 0.20
C PHE B 44 13.66 -1.79 0.60
N VAL B 45 13.16 -1.77 1.83
CA VAL B 45 12.41 -2.88 2.41
C VAL B 45 11.03 -2.37 2.74
N HIS B 46 10.02 -3.18 2.44
CA HIS B 46 8.67 -2.76 2.77
C HIS B 46 7.87 -4.00 3.13
N ALA B 47 7.23 -3.96 4.30
CA ALA B 47 6.38 -5.03 4.78
C ALA B 47 7.03 -6.39 4.59
N GLY B 48 8.32 -6.46 4.95
CA GLY B 48 9.03 -7.72 4.96
C GLY B 48 9.72 -8.11 3.67
N ASP B 49 9.50 -7.38 2.58
CA ASP B 49 10.06 -7.73 1.29
C ASP B 49 11.16 -6.75 0.89
N GLU B 50 12.11 -7.22 0.09
CA GLU B 50 13.23 -6.42 -0.42
C GLU B 50 12.95 -6.01 -1.85
N PHE B 51 13.26 -4.76 -2.17
CA PHE B 51 13.08 -4.20 -3.49
C PHE B 51 14.43 -3.70 -3.97
N SER B 52 14.89 -4.18 -5.12
CA SER B 52 16.06 -3.61 -5.78
C SER B 52 15.58 -2.62 -6.83
N LEU B 53 16.05 -1.36 -6.75
CA LEU B 53 15.66 -0.24 -7.63
C LEU B 53 16.81 0.16 -8.52
N THR B 54 16.56 0.16 -9.83
CA THR B 54 17.56 0.54 -10.82
C THR B 54 16.98 1.66 -11.68
N ASP B 55 17.63 2.83 -11.68
CA ASP B 55 17.16 4.02 -12.40
C ASP B 55 17.93 4.19 -13.70
N LEU B 56 17.30 3.96 -14.76
CA LEU B 56 18.08 3.93 -15.99
C LEU B 56 18.20 5.35 -16.56
N PRO B 57 19.27 5.66 -17.30
CA PRO B 57 19.44 7.03 -17.82
C PRO B 57 18.27 7.47 -18.70
N GLY B 58 17.93 8.74 -18.61
CA GLY B 58 16.77 9.30 -19.33
C GLY B 58 16.92 9.12 -20.83
N ILE B 59 15.90 8.56 -21.50
CA ILE B 59 15.91 8.38 -22.95
C ILE B 59 14.54 8.74 -23.53
N TYR B 60 14.54 9.13 -24.80
CA TYR B 60 13.28 9.51 -25.47
C TYR B 60 12.72 8.40 -26.34
N ALA B 61 13.52 7.38 -26.63
CA ALA B 61 13.14 6.25 -27.47
C ALA B 61 14.10 5.13 -27.15
N LEU B 62 13.68 3.91 -27.40
CA LEU B 62 14.55 2.75 -27.29
C LEU B 62 15.35 2.61 -28.56
N ASP B 63 16.67 2.83 -28.47
CA ASP B 63 17.66 2.23 -29.39
C ASP B 63 19.03 2.82 -29.10
N SER B 70 28.48 1.95 -23.46
CA SER B 70 29.34 3.11 -23.57
C SER B 70 28.51 4.39 -23.57
N ILE B 71 27.27 4.26 -24.00
CA ILE B 71 26.36 5.38 -24.23
C ILE B 71 25.15 5.22 -23.32
N ASP B 72 24.71 6.33 -22.73
CA ASP B 72 23.56 6.25 -21.83
C ASP B 72 22.33 5.71 -22.53
N GLU B 73 22.06 6.16 -23.75
CA GLU B 73 20.86 5.67 -24.44
C GLU B 73 21.01 4.17 -24.76
N SER B 74 22.23 3.72 -25.06
CA SER B 74 22.43 2.28 -25.28
C SER B 74 22.27 1.51 -23.97
N ILE B 75 22.86 2.01 -22.88
CA ILE B 75 22.72 1.36 -21.58
C ILE B 75 21.26 1.15 -21.21
N ALA B 76 20.42 2.19 -21.35
CA ALA B 76 19.03 2.07 -20.93
C ALA B 76 18.28 1.07 -21.80
N SER B 77 18.51 1.12 -23.12
CA SER B 77 17.80 0.22 -24.02
C SER B 77 18.19 -1.22 -23.79
N ARG B 78 19.50 -1.48 -23.64
CA ARG B 78 19.95 -2.85 -23.42
C ARG B 78 19.39 -3.42 -22.12
N ALA B 79 19.30 -2.59 -21.07
CA ALA B 79 18.81 -3.06 -19.78
C ALA B 79 17.33 -3.39 -19.83
N VAL B 80 16.56 -2.57 -20.55
CA VAL B 80 15.14 -2.86 -20.64
C VAL B 80 14.94 -4.19 -21.35
N LEU B 81 15.84 -4.54 -22.28
CA LEU B 81 15.71 -5.83 -22.96
C LEU B 81 16.31 -6.99 -22.19
N THR B 82 17.27 -6.77 -21.28
CA THR B 82 17.97 -7.92 -20.70
C THR B 82 17.96 -8.02 -19.18
N HIS B 83 17.65 -6.96 -18.47
CA HIS B 83 17.75 -7.07 -17.02
C HIS B 83 16.50 -7.76 -16.47
N PRO B 84 16.63 -8.51 -15.39
CA PRO B 84 15.45 -9.02 -14.69
C PRO B 84 14.59 -7.88 -14.17
N ALA B 85 13.28 -8.08 -14.21
CA ALA B 85 12.39 -7.00 -13.79
C ALA B 85 11.06 -7.63 -13.42
N ASP B 86 10.69 -7.55 -12.14
CA ASP B 86 9.33 -7.89 -11.81
C ASP B 86 8.39 -6.79 -12.25
N VAL B 87 8.92 -5.58 -12.45
CA VAL B 87 8.11 -4.50 -13.03
C VAL B 87 9.04 -3.41 -13.54
N ILE B 88 8.63 -2.75 -14.64
CA ILE B 88 9.29 -1.56 -15.14
C ILE B 88 8.35 -0.40 -14.84
N ILE B 89 8.83 0.58 -14.08
CA ILE B 89 8.07 1.79 -13.77
C ILE B 89 8.44 2.83 -14.81
N ASN B 90 7.49 3.19 -15.68
CA ASN B 90 7.70 4.22 -16.69
C ASN B 90 7.26 5.55 -16.09
N VAL B 91 8.22 6.40 -15.72
CA VAL B 91 7.91 7.68 -15.09
C VAL B 91 7.69 8.69 -16.20
N VAL B 92 6.53 9.36 -16.17
CA VAL B 92 6.08 10.27 -17.23
C VAL B 92 5.74 11.62 -16.61
N ASP B 93 6.36 12.68 -17.11
CA ASP B 93 5.98 14.04 -16.71
C ASP B 93 4.61 14.33 -17.31
N ALA B 94 3.61 14.45 -16.43
CA ALA B 94 2.22 14.53 -16.91
C ALA B 94 1.97 15.83 -17.66
N THR B 95 2.81 16.83 -17.46
CA THR B 95 2.65 18.05 -18.23
C THR B 95 3.26 17.98 -19.63
N CYS B 96 3.99 16.91 -20.00
CA CYS B 96 4.42 16.75 -21.38
C CYS B 96 4.09 15.34 -21.86
N LEU B 97 2.82 14.97 -21.68
CA LEU B 97 2.37 13.62 -21.97
C LEU B 97 2.69 13.17 -23.40
N GLU B 98 2.33 13.97 -24.41
CA GLU B 98 2.44 13.48 -25.78
C GLU B 98 3.86 13.08 -26.14
N ARG B 99 4.85 13.90 -25.76
CA ARG B 99 6.23 13.59 -26.10
C ARG B 99 6.73 12.37 -25.33
N SER B 100 6.24 12.21 -24.11
CA SER B 100 6.70 11.12 -23.23
C SER B 100 6.17 9.76 -23.65
N LEU B 101 5.02 9.73 -24.31
CA LEU B 101 4.32 8.49 -24.56
C LEU B 101 4.89 7.67 -25.71
N TYR B 102 5.78 8.24 -26.53
CA TYR B 102 6.42 7.43 -27.55
C TYR B 102 7.19 6.30 -26.89
N MET B 103 7.96 6.62 -25.88
CA MET B 103 8.73 5.55 -25.22
C MET B 103 7.81 4.61 -24.47
N THR B 104 6.77 5.15 -23.83
CA THR B 104 5.74 4.33 -23.20
C THR B 104 5.20 3.27 -24.16
N LEU B 105 4.91 3.66 -25.42
CA LEU B 105 4.39 2.68 -26.38
C LEU B 105 5.42 1.61 -26.71
N GLN B 106 6.67 1.99 -26.92
CA GLN B 106 7.72 1.02 -27.19
C GLN B 106 7.88 0.05 -26.04
N LEU B 107 7.83 0.55 -24.81
CA LEU B 107 7.88 -0.30 -23.63
C LEU B 107 6.65 -1.20 -23.56
N ARG B 108 5.45 -0.65 -23.82
CA ARG B 108 4.27 -1.50 -23.80
C ARG B 108 4.36 -2.60 -24.84
N GLU B 109 4.94 -2.31 -26.00
CA GLU B 109 5.03 -3.33 -27.02
C GLU B 109 5.85 -4.52 -26.56
N LEU B 110 6.81 -4.31 -25.66
CA LEU B 110 7.68 -5.40 -25.21
C LEU B 110 6.91 -6.47 -24.47
N ARG B 111 5.81 -6.09 -23.83
CA ARG B 111 4.98 -6.96 -23.01
C ARG B 111 5.69 -7.43 -21.74
N ARG B 112 6.74 -6.71 -21.30
CA ARG B 112 7.20 -6.94 -19.93
C ARG B 112 6.25 -6.26 -18.94
N PRO B 113 6.11 -6.81 -17.74
CA PRO B 113 5.25 -6.21 -16.70
C PRO B 113 5.65 -4.78 -16.45
N MET B 114 4.68 -3.86 -16.49
CA MET B 114 5.08 -2.47 -16.35
C MET B 114 3.91 -1.64 -15.81
N ILE B 115 4.26 -0.48 -15.24
CA ILE B 115 3.33 0.50 -14.66
C ILE B 115 3.65 1.84 -15.29
N VAL B 116 2.65 2.68 -15.53
CA VAL B 116 2.88 4.09 -15.86
C VAL B 116 2.68 4.95 -14.62
N VAL B 117 3.69 5.74 -14.28
CA VAL B 117 3.58 6.69 -13.17
C VAL B 117 3.57 8.09 -13.75
N LEU B 118 2.40 8.74 -13.67
CA LEU B 118 2.27 10.12 -14.09
C LEU B 118 2.77 11.04 -12.97
N ASN B 119 3.87 11.73 -13.22
CA ASN B 119 4.49 12.59 -12.22
C ASN B 119 4.14 14.06 -12.46
N LYS B 120 4.40 14.89 -11.44
CA LYS B 120 4.17 16.34 -11.52
C LYS B 120 2.69 16.65 -11.67
N MET B 121 1.84 15.89 -10.98
CA MET B 121 0.42 16.18 -11.03
C MET B 121 0.13 17.54 -10.39
N ASP B 122 0.93 17.97 -9.42
CA ASP B 122 0.76 19.31 -8.87
C ASP B 122 0.99 20.39 -9.95
N ALA B 123 2.00 20.22 -10.80
CA ALA B 123 2.21 21.18 -11.89
C ALA B 123 1.10 21.10 -12.92
N LEU B 124 0.58 19.89 -13.18
CA LEU B 124 -0.55 19.75 -14.09
C LEU B 124 -1.78 20.53 -13.60
N LYS B 125 -2.04 20.47 -12.29
CA LYS B 125 -3.16 21.20 -11.69
C LYS B 125 -3.01 22.72 -11.87
N ARG B 126 -1.81 23.26 -11.63
CA ARG B 126 -1.55 24.69 -11.83
C ARG B 126 -1.81 25.14 -13.27
N GLU B 127 -1.65 24.26 -14.24
CA GLU B 127 -1.85 24.59 -15.64
C GLU B 127 -3.30 24.40 -16.05
N ARG B 128 -4.16 23.97 -15.12
CA ARG B 128 -5.58 23.73 -15.36
C ARG B 128 -5.82 22.67 -16.43
N VAL B 129 -4.99 21.62 -16.41
CA VAL B 129 -5.17 20.48 -17.31
C VAL B 129 -5.62 19.29 -16.48
N HIS B 130 -6.55 18.52 -17.01
CA HIS B 130 -7.08 17.34 -16.35
C HIS B 130 -6.81 16.12 -17.22
N LEU B 131 -6.32 15.03 -16.63
CA LEU B 131 -6.09 13.79 -17.35
C LEU B 131 -7.07 12.70 -16.89
N ASP B 132 -7.69 12.03 -17.84
CA ASP B 132 -8.64 10.98 -17.55
C ASP B 132 -7.86 9.67 -17.42
N LEU B 133 -7.53 9.32 -16.18
CA LEU B 133 -6.65 8.18 -15.92
C LEU B 133 -7.29 6.85 -16.32
N LYS B 134 -8.60 6.75 -16.17
CA LYS B 134 -9.29 5.53 -16.55
C LYS B 134 -9.18 5.32 -18.05
N GLN B 135 -9.39 6.37 -18.86
CA GLN B 135 -9.24 6.23 -20.30
C GLN B 135 -7.78 6.01 -20.72
N LEU B 136 -6.85 6.66 -20.02
CA LEU B 136 -5.44 6.38 -20.32
C LEU B 136 -5.13 4.90 -20.09
N GLU B 137 -5.64 4.34 -18.99
CA GLU B 137 -5.44 2.92 -18.74
C GLU B 137 -6.10 2.08 -19.84
N ALA B 138 -7.25 2.54 -20.34
CA ALA B 138 -7.91 1.82 -21.43
C ALA B 138 -7.08 1.82 -22.70
N PHE B 139 -6.39 2.93 -23.00
CA PHE B 139 -5.55 2.99 -24.19
C PHE B 139 -4.26 2.19 -24.02
N LEU B 140 -3.70 2.17 -22.81
CA LEU B 140 -2.36 1.59 -22.62
C LEU B 140 -2.40 0.14 -22.16
N GLY B 141 -3.47 -0.28 -21.49
CA GLY B 141 -3.59 -1.66 -21.05
C GLY B 141 -2.65 -2.05 -19.92
N CYS B 142 -2.19 -1.10 -19.11
CA CYS B 142 -1.37 -1.40 -17.95
C CYS B 142 -1.81 -0.46 -16.82
N PRO B 143 -1.47 -0.76 -15.57
CA PRO B 143 -1.86 0.14 -14.49
C PRO B 143 -1.25 1.53 -14.69
N VAL B 144 -2.03 2.55 -14.34
CA VAL B 144 -1.60 3.94 -14.41
C VAL B 144 -1.79 4.50 -13.02
N LEU B 145 -0.74 5.10 -12.47
CA LEU B 145 -0.78 5.72 -11.15
C LEU B 145 -0.31 7.15 -11.33
N ALA B 146 -0.86 8.07 -10.53
CA ALA B 146 -0.52 9.48 -10.66
C ALA B 146 -0.04 10.01 -9.32
N LEU B 147 0.93 10.92 -9.34
CA LEU B 147 1.43 11.49 -8.09
C LEU B 147 2.29 12.71 -8.37
N SER B 148 2.76 13.32 -7.28
CA SER B 148 3.82 14.31 -7.32
C SER B 148 4.98 13.76 -6.49
N ALA B 149 6.09 13.42 -7.16
CA ALA B 149 7.22 12.78 -6.49
C ALA B 149 7.87 13.69 -5.47
N ASN B 150 7.65 15.01 -5.57
CA ASN B 150 8.14 15.89 -4.52
C ASN B 150 7.28 15.90 -3.27
N ASN B 151 6.19 15.11 -3.20
CA ASN B 151 5.33 15.05 -2.03
C ASN B 151 5.65 13.74 -1.31
N LYS B 152 6.25 13.83 -0.13
CA LYS B 152 6.72 12.62 0.55
C LYS B 152 5.59 11.65 0.86
N GLU B 153 4.41 12.18 1.22
CA GLU B 153 3.28 11.32 1.57
C GLU B 153 2.74 10.56 0.36
N GLN B 154 2.69 11.20 -0.82
CA GLN B 154 2.25 10.47 -2.00
C GLN B 154 3.25 9.39 -2.40
N VAL B 155 4.55 9.64 -2.19
CA VAL B 155 5.56 8.63 -2.50
C VAL B 155 5.45 7.42 -1.58
N ARG B 156 5.13 7.64 -0.29
CA ARG B 156 4.94 6.52 0.63
C ARG B 156 3.68 5.73 0.26
N ARG B 157 2.60 6.43 -0.13
CA ARG B 157 1.42 5.73 -0.61
C ARG B 157 1.74 4.95 -1.88
N PHE B 158 2.51 5.54 -2.77
CA PHE B 158 2.91 4.84 -3.99
C PHE B 158 3.66 3.55 -3.66
N LYS B 159 4.53 3.59 -2.66
CA LYS B 159 5.28 2.39 -2.27
C LYS B 159 4.35 1.24 -1.90
N GLU B 160 3.30 1.55 -1.13
CA GLU B 160 2.33 0.56 -0.69
C GLU B 160 1.56 -0.03 -1.87
N LYS B 161 1.15 0.82 -2.81
CA LYS B 161 0.46 0.33 -4.01
C LYS B 161 1.37 -0.53 -4.87
N LEU B 162 2.63 -0.13 -5.01
CA LEU B 162 3.59 -0.88 -5.82
C LEU B 162 3.80 -2.27 -5.26
N HIS B 163 3.95 -2.35 -3.94
CA HIS B 163 4.11 -3.65 -3.29
C HIS B 163 2.90 -4.55 -3.59
N LYS B 164 1.68 -4.00 -3.49
CA LYS B 164 0.46 -4.80 -3.71
C LYS B 164 0.35 -5.27 -5.17
N LEU B 165 0.68 -4.40 -6.13
CA LEU B 165 0.70 -4.84 -7.51
C LEU B 165 1.70 -5.97 -7.72
N LEU B 166 2.87 -5.85 -7.11
CA LEU B 166 3.93 -6.84 -7.30
C LEU B 166 3.58 -8.18 -6.66
N VAL B 167 2.87 -8.16 -5.53
CA VAL B 167 2.44 -9.41 -4.89
C VAL B 167 1.36 -10.08 -5.72
N GLN B 168 0.40 -9.28 -6.21
CA GLN B 168 -0.67 -9.82 -7.05
C GLN B 168 -0.14 -10.30 -8.38
N GLY B 169 0.94 -9.69 -8.88
CA GLY B 169 1.46 -10.01 -10.20
C GLY B 169 0.85 -9.16 -11.29
N ILE B 170 1.69 -8.62 -12.19
CA ILE B 170 1.22 -7.85 -13.33
C ILE B 170 1.42 -8.72 -14.58
N ALA B 171 0.33 -9.02 -15.27
CA ALA B 171 0.39 -9.73 -16.54
C ALA B 171 -0.72 -9.19 -17.43
N LEU B 172 -0.34 -8.53 -18.53
CA LEU B 172 -1.31 -8.20 -19.56
C LEU B 172 -0.79 -8.64 -20.93
N LYS B 173 -1.60 -8.33 -21.94
CA LYS B 173 -1.45 -8.85 -23.28
C LYS B 173 -0.76 -7.82 -24.16
N GLN B 174 -0.65 -8.16 -25.43
CA GLN B 174 -0.03 -7.30 -26.42
C GLN B 174 -0.87 -6.04 -26.67
N ILE B 175 -0.19 -4.93 -26.98
CA ILE B 175 -0.84 -3.65 -27.23
C ILE B 175 -1.38 -3.62 -28.66
N GLU B 176 -2.43 -2.81 -28.90
CA GLU B 176 -3.17 -2.83 -30.17
C GLU B 176 -2.62 -1.83 -31.19
N LEU B 177 -1.46 -2.17 -31.77
CA LEU B 177 -0.82 -1.34 -32.79
C LEU B 177 -0.81 -2.06 -34.14
N HIS B 178 -1.33 -1.40 -35.16
CA HIS B 178 -1.48 -2.00 -36.48
C HIS B 178 -0.51 -1.29 -37.42
N TYR B 179 0.51 -2.03 -37.89
CA TYR B 179 1.50 -1.46 -38.80
C TYR B 179 1.17 -1.70 -40.27
N GLY B 180 0.01 -2.29 -40.56
CA GLY B 180 -0.39 -2.55 -41.93
C GLY B 180 0.01 -3.93 -42.41
N ALA B 181 -0.69 -4.41 -43.44
CA ALA B 181 -0.56 -5.80 -43.87
C ALA B 181 0.87 -6.17 -44.24
N GLU B 182 1.57 -5.32 -44.99
CA GLU B 182 2.90 -5.70 -45.44
C GLU B 182 3.85 -5.90 -44.26
N PHE B 183 3.95 -4.90 -43.39
CA PHE B 183 4.87 -5.00 -42.26
C PHE B 183 4.45 -6.09 -41.31
N GLU B 184 3.13 -6.26 -41.11
CA GLU B 184 2.66 -7.32 -40.23
C GLU B 184 3.07 -8.70 -40.74
N SER B 185 3.05 -8.90 -42.06
CA SER B 185 3.50 -10.18 -42.61
C SER B 185 4.98 -10.40 -42.33
N LEU B 186 5.79 -9.35 -42.41
CA LEU B 186 7.21 -9.48 -42.07
C LEU B 186 7.39 -9.86 -40.60
N ILE B 187 6.62 -9.21 -39.71
CA ILE B 187 6.66 -9.57 -38.29
C ILE B 187 6.33 -11.04 -38.11
N HIS B 188 5.24 -11.49 -38.72
CA HIS B 188 4.84 -12.87 -38.56
C HIS B 188 5.90 -13.83 -39.09
N GLU B 189 6.63 -13.43 -40.13
CA GLU B 189 7.72 -14.26 -40.66
C GLU B 189 8.85 -14.41 -39.65
N LEU B 190 9.16 -13.35 -38.90
CA LEU B 190 10.32 -13.37 -38.02
C LEU B 190 10.02 -13.84 -36.63
N GLU B 191 8.77 -13.70 -36.17
CA GLU B 191 8.38 -14.14 -34.82
C GLU B 191 8.87 -15.52 -34.43
N PRO B 192 8.78 -16.57 -35.29
CA PRO B 192 9.21 -17.91 -34.82
C PRO B 192 10.64 -17.99 -34.37
N MET B 193 11.56 -17.19 -34.91
CA MET B 193 12.92 -17.29 -34.41
C MET B 193 13.12 -16.61 -33.06
N PHE B 194 12.11 -15.88 -32.57
CA PHE B 194 12.22 -15.16 -31.31
C PHE B 194 11.33 -15.74 -30.23
N ALA B 195 10.95 -17.00 -30.35
CA ALA B 195 9.98 -17.59 -29.43
C ALA B 195 10.51 -17.67 -28.00
N GLU B 196 9.58 -17.46 -27.06
CA GLU B 196 9.68 -17.71 -25.62
C GLU B 196 10.91 -17.09 -24.96
N GLN B 197 10.91 -15.76 -24.88
CA GLN B 197 11.80 -14.90 -24.09
C GLN B 197 10.97 -14.10 -23.08
N ALA B 198 11.64 -13.18 -22.36
CA ALA B 198 10.91 -12.28 -21.47
C ALA B 198 10.22 -11.14 -22.22
N VAL B 199 10.86 -10.63 -23.27
CA VAL B 199 10.25 -9.72 -24.24
C VAL B 199 9.46 -10.55 -25.23
N SER B 200 8.31 -10.04 -25.68
CA SER B 200 7.46 -10.80 -26.60
C SER B 200 8.13 -11.01 -27.95
N ALA B 201 7.77 -12.13 -28.59
CA ALA B 201 8.32 -12.44 -29.91
C ALA B 201 7.97 -11.37 -30.93
N ARG B 202 6.74 -10.84 -30.86
CA ARG B 202 6.34 -9.74 -31.74
C ARG B 202 7.27 -8.56 -31.58
N ALA B 203 7.50 -8.12 -30.34
CA ALA B 203 8.33 -6.95 -30.13
C ALA B 203 9.76 -7.20 -30.61
N LEU B 204 10.30 -8.40 -30.33
CA LEU B 204 11.63 -8.74 -30.84
C LEU B 204 11.67 -8.68 -32.36
N ALA B 205 10.65 -9.22 -33.04
CA ALA B 205 10.64 -9.17 -34.50
C ALA B 205 10.61 -7.73 -35.00
N ILE B 206 9.80 -6.87 -34.36
CA ILE B 206 9.75 -5.45 -34.74
C ILE B 206 11.10 -4.80 -34.50
N ARG B 207 11.71 -5.06 -33.33
CA ARG B 207 13.03 -4.52 -33.05
C ARG B 207 14.02 -4.98 -34.11
N ALA B 208 13.99 -6.28 -34.47
CA ALA B 208 14.85 -6.78 -35.53
C ALA B 208 14.62 -6.04 -36.85
N LEU B 209 13.36 -5.86 -37.24
CA LEU B 209 13.08 -5.12 -38.48
C LEU B 209 13.54 -3.67 -38.39
N GLU B 210 13.46 -3.06 -37.20
CA GLU B 210 14.03 -1.75 -36.95
C GLU B 210 15.54 -1.77 -36.83
N ASN B 211 16.17 -2.94 -36.93
CA ASN B 211 17.63 -3.08 -36.95
C ASN B 211 18.24 -2.80 -35.58
N ASP B 212 17.54 -3.23 -34.53
CA ASP B 212 18.07 -3.25 -33.17
C ASP B 212 19.25 -4.23 -33.08
N ARG B 213 20.45 -3.71 -32.85
CA ARG B 213 21.65 -4.53 -32.99
C ARG B 213 21.79 -5.55 -31.86
N LEU B 214 21.33 -5.23 -30.65
CA LEU B 214 21.32 -6.22 -29.58
C LEU B 214 20.50 -7.44 -29.99
N VAL B 215 19.36 -7.21 -30.64
CA VAL B 215 18.50 -8.31 -31.06
C VAL B 215 19.13 -9.05 -32.23
N ILE B 216 19.62 -8.31 -33.22
CA ILE B 216 20.16 -8.92 -34.44
C ILE B 216 21.40 -9.76 -34.11
N ASN B 217 22.33 -9.18 -33.36
CA ASN B 217 23.68 -9.71 -33.23
C ASN B 217 23.70 -11.00 -32.43
N GLY B 218 22.68 -11.24 -31.64
CA GLY B 218 22.50 -12.48 -30.93
C GLY B 218 21.81 -13.55 -31.73
N LEU B 219 21.64 -13.35 -33.03
CA LEU B 219 21.03 -14.35 -33.89
C LEU B 219 22.08 -15.20 -34.57
N LYS B 220 21.62 -16.28 -35.20
CA LYS B 220 22.44 -17.16 -36.01
C LYS B 220 22.80 -16.45 -37.30
N GLU B 221 23.22 -17.21 -38.31
CA GLU B 221 23.20 -16.73 -39.68
C GLU B 221 21.99 -15.83 -39.94
N ALA B 222 20.84 -16.14 -39.33
CA ALA B 222 19.60 -15.44 -39.59
C ALA B 222 19.70 -13.96 -39.29
N ASN B 226 18.83 -13.23 -43.26
CA ASN B 226 17.39 -13.34 -43.46
C ASN B 226 16.69 -12.04 -43.08
N VAL B 227 17.02 -11.49 -41.90
CA VAL B 227 16.40 -10.23 -41.48
C VAL B 227 16.71 -9.13 -42.49
N GLU B 228 17.99 -8.98 -42.85
CA GLU B 228 18.38 -7.86 -43.71
C GLU B 228 17.81 -7.97 -45.12
N GLN B 229 17.46 -9.17 -45.58
CA GLN B 229 16.82 -9.24 -46.89
C GLN B 229 15.31 -8.96 -46.79
N ARG B 230 14.68 -9.29 -45.66
CA ARG B 230 13.32 -8.80 -45.42
C ARG B 230 13.26 -7.28 -45.37
N GLN B 231 14.30 -6.64 -44.81
CA GLN B 231 14.37 -5.18 -44.81
C GLN B 231 14.37 -4.63 -46.24
N HIS B 232 15.13 -5.26 -47.14
CA HIS B 232 15.18 -4.83 -48.54
C HIS B 232 13.86 -5.05 -49.27
N GLU B 233 13.16 -6.14 -48.97
CA GLU B 233 11.93 -6.42 -49.71
C GLU B 233 10.77 -5.54 -49.24
N CYS B 234 10.90 -4.88 -48.09
CA CYS B 234 9.90 -3.93 -47.65
C CYS B 234 9.91 -2.71 -48.58
N GLN B 235 8.80 -2.49 -49.28
CA GLN B 235 8.73 -1.41 -50.26
C GLN B 235 8.70 -0.04 -49.61
N VAL B 236 8.35 0.03 -48.32
CA VAL B 236 8.05 1.29 -47.67
C VAL B 236 9.07 1.44 -46.53
N ASP B 237 9.32 2.69 -46.11
CA ASP B 237 10.43 2.95 -45.19
C ASP B 237 10.06 2.51 -43.77
N ILE B 238 10.78 1.53 -43.24
CA ILE B 238 10.39 0.94 -41.97
C ILE B 238 10.42 1.97 -40.85
N ASP B 239 11.49 2.78 -40.79
CA ASP B 239 11.60 3.76 -39.72
C ASP B 239 10.44 4.73 -39.74
N LEU B 240 10.09 5.22 -40.92
CA LEU B 240 8.97 6.15 -41.03
C LEU B 240 7.66 5.46 -40.67
N LEU B 241 7.47 4.22 -41.11
CA LEU B 241 6.22 3.52 -40.84
C LEU B 241 6.00 3.35 -39.35
N VAL B 242 6.97 2.78 -38.64
CA VAL B 242 6.74 2.49 -37.22
C VAL B 242 6.49 3.79 -36.46
N ALA B 243 7.21 4.86 -36.80
CA ALA B 243 7.02 6.12 -36.11
C ALA B 243 5.63 6.69 -36.37
N ASN B 244 5.21 6.71 -37.64
CA ASN B 244 3.87 7.21 -37.96
C ASN B 244 2.79 6.44 -37.24
N VAL B 245 2.90 5.10 -37.22
CA VAL B 245 1.87 4.29 -36.57
C VAL B 245 1.81 4.62 -35.08
N ARG B 246 2.96 4.79 -34.44
CA ARG B 246 2.98 5.10 -33.01
C ARG B 246 2.46 6.52 -32.73
N TYR B 247 2.92 7.51 -33.48
CA TYR B 247 2.44 8.87 -33.22
C TYR B 247 0.93 9.01 -33.50
N THR B 248 0.40 8.25 -34.45
CA THR B 248 -1.04 8.24 -34.70
C THR B 248 -1.81 7.72 -33.49
N TYR B 249 -1.33 6.62 -32.92
CA TYR B 249 -1.95 6.06 -31.73
C TYR B 249 -1.88 7.04 -30.57
N LEU B 250 -0.70 7.64 -30.37
CA LEU B 250 -0.50 8.63 -29.30
C LEU B 250 -1.39 9.85 -29.47
N HIS B 251 -1.44 10.40 -30.68
CA HIS B 251 -2.26 11.59 -30.87
C HIS B 251 -3.72 11.30 -30.59
N GLU B 252 -4.20 10.12 -31.00
CA GLU B 252 -5.56 9.71 -30.69
C GLU B 252 -5.77 9.63 -29.18
N LEU B 253 -4.83 9.00 -28.49
CA LEU B 253 -4.91 8.90 -27.04
C LEU B 253 -4.98 10.27 -26.38
N CYS B 254 -4.10 11.19 -26.77
CA CYS B 254 -4.06 12.47 -26.09
C CYS B 254 -5.32 13.28 -26.35
N THR B 255 -5.90 13.17 -27.54
CA THR B 255 -7.12 13.93 -27.81
C THR B 255 -8.27 13.53 -26.90
N HIS B 256 -8.26 12.31 -26.38
CA HIS B 256 -9.36 11.85 -25.53
C HIS B 256 -9.05 11.94 -24.03
N VAL B 257 -7.77 11.84 -23.64
CA VAL B 257 -7.40 11.74 -22.23
C VAL B 257 -7.11 13.11 -21.62
N ARG B 258 -6.62 14.05 -22.42
CA ARG B 258 -6.25 15.38 -21.96
C ARG B 258 -7.39 16.36 -22.22
N ARG B 259 -7.78 17.09 -21.17
CA ARG B 259 -8.79 18.14 -21.27
C ARG B 259 -8.33 19.41 -20.56
N THR B 260 -8.59 20.55 -21.16
CA THR B 260 -8.22 21.83 -20.59
C THR B 260 -9.44 22.50 -19.99
N GLU B 261 -9.23 23.22 -18.89
CA GLU B 261 -10.27 23.98 -18.21
C GLU B 261 -10.44 25.37 -18.84
N SER C 1 -28.88 -2.68 18.40
CA SER C 1 -29.02 -3.62 17.31
C SER C 1 -28.42 -3.06 16.02
N LYS C 2 -27.87 -1.84 16.10
CA LYS C 2 -27.02 -1.27 15.05
C LYS C 2 -25.66 -0.92 15.66
N TYR C 3 -24.61 -1.63 15.23
CA TYR C 3 -23.27 -1.47 15.79
C TYR C 3 -22.34 -0.75 14.83
N GLN C 4 -21.51 0.15 15.37
CA GLN C 4 -20.50 0.86 14.59
C GLN C 4 -19.10 0.31 14.87
N VAL C 5 -18.41 -0.12 13.82
CA VAL C 5 -17.13 -0.82 13.93
C VAL C 5 -16.10 -0.07 13.10
N LEU C 6 -14.96 0.24 13.71
CA LEU C 6 -13.82 0.85 13.01
C LEU C 6 -12.71 -0.18 12.91
N THR C 7 -12.04 -0.23 11.75
CA THR C 7 -10.90 -1.10 11.54
C THR C 7 -9.66 -0.24 11.34
N VAL C 8 -8.57 -0.59 12.03
CA VAL C 8 -7.36 0.22 12.00
C VAL C 8 -6.14 -0.68 12.13
N GLY C 9 -5.07 -0.32 11.45
CA GLY C 9 -3.88 -1.15 11.50
C GLY C 9 -2.82 -0.63 10.56
N ASN C 10 -1.63 -1.26 10.65
CA ASN C 10 -0.53 -0.93 9.75
C ASN C 10 -0.89 -1.31 8.31
N PRO C 11 -0.25 -0.68 7.32
CA PRO C 11 -0.36 -1.18 5.95
C PRO C 11 0.08 -2.64 5.88
N ASN C 12 -0.54 -3.40 4.96
CA ASN C 12 -0.23 -4.82 4.73
C ASN C 12 -0.66 -5.73 5.87
N SER C 13 -1.48 -5.23 6.79
CA SER C 13 -1.85 -6.07 7.92
C SER C 13 -2.98 -7.03 7.59
N GLY C 14 -3.73 -6.78 6.51
CA GLY C 14 -4.83 -7.61 6.12
C GLY C 14 -6.21 -6.96 6.25
N LYS C 15 -6.28 -5.64 6.44
CA LYS C 15 -7.56 -4.94 6.69
C LYS C 15 -8.50 -5.07 5.50
N THR C 16 -7.99 -4.88 4.29
CA THR C 16 -8.84 -5.02 3.12
C THR C 16 -9.41 -6.44 3.04
N THR C 17 -8.55 -7.43 3.27
CA THR C 17 -8.97 -8.82 3.17
C THR C 17 -10.06 -9.15 4.19
N LEU C 18 -9.88 -8.70 5.44
CA LEU C 18 -10.90 -8.93 6.45
C LEU C 18 -12.17 -8.14 6.15
N PHE C 19 -12.00 -6.91 5.68
CA PHE C 19 -13.17 -6.09 5.32
C PHE C 19 -14.00 -6.77 4.24
N ASN C 20 -13.35 -7.29 3.20
CA ASN C 20 -14.07 -7.97 2.12
C ASN C 20 -14.77 -9.22 2.63
N GLY C 21 -14.09 -10.00 3.48
CA GLY C 21 -14.70 -11.20 4.01
C GLY C 21 -15.91 -10.91 4.87
N LEU C 22 -15.86 -9.83 5.64
CA LEU C 22 -16.98 -9.52 6.52
C LEU C 22 -18.18 -8.98 5.74
N THR C 23 -17.94 -8.11 4.76
CA THR C 23 -19.02 -7.46 4.01
C THR C 23 -19.43 -8.21 2.75
N GLY C 24 -18.66 -9.21 2.31
CA GLY C 24 -19.01 -10.02 1.17
C GLY C 24 -18.33 -9.62 -0.12
N ALA C 25 -17.93 -8.37 -0.28
CA ALA C 25 -17.21 -7.89 -1.46
C ALA C 25 -17.86 -8.33 -2.76
N LYS C 40 -12.76 2.81 2.68
CA LYS C 40 -14.06 2.24 2.37
C LYS C 40 -14.94 2.07 3.61
N THR C 41 -16.25 2.14 3.38
CA THR C 41 -17.25 1.83 4.39
C THR C 41 -18.17 0.75 3.84
N GLY C 42 -18.75 -0.03 4.75
CA GLY C 42 -19.58 -1.14 4.34
C GLY C 42 -20.46 -1.57 5.48
N SER C 43 -21.20 -2.65 5.25
CA SER C 43 -22.10 -3.14 6.27
C SER C 43 -22.29 -4.64 6.10
N PHE C 44 -22.78 -5.27 7.17
CA PHE C 44 -23.32 -6.62 7.07
C PHE C 44 -24.31 -6.82 8.20
N VAL C 45 -25.14 -7.85 8.04
CA VAL C 45 -26.14 -8.24 9.03
C VAL C 45 -25.75 -9.60 9.59
N HIS C 46 -25.89 -9.75 10.90
CA HIS C 46 -25.61 -11.02 11.57
C HIS C 46 -26.57 -11.18 12.75
N ALA C 47 -27.22 -12.34 12.82
CA ALA C 47 -28.12 -12.69 13.92
C ALA C 47 -29.12 -11.57 14.23
N GLY C 48 -29.64 -10.95 13.16
CA GLY C 48 -30.66 -9.92 13.29
C GLY C 48 -30.14 -8.51 13.48
N ASP C 49 -28.85 -8.33 13.73
CA ASP C 49 -28.28 -7.03 14.02
C ASP C 49 -27.51 -6.51 12.81
N GLU C 50 -27.42 -5.18 12.70
CA GLU C 50 -26.72 -4.52 11.61
C GLU C 50 -25.38 -3.97 12.09
N PHE C 51 -24.37 -4.09 11.24
CA PHE C 51 -23.01 -3.68 11.56
C PHE C 51 -22.54 -2.73 10.47
N SER C 52 -22.07 -1.55 10.87
CA SER C 52 -21.46 -0.63 9.93
C SER C 52 -19.94 -0.69 10.10
N LEU C 53 -19.24 -0.90 9.00
CA LEU C 53 -17.79 -1.09 8.98
C LEU C 53 -17.10 0.08 8.32
N THR C 54 -16.17 0.72 9.02
CA THR C 54 -15.33 1.77 8.44
C THR C 54 -13.87 1.39 8.59
N ASP C 55 -13.17 1.33 7.46
CA ASP C 55 -11.75 0.99 7.43
C ASP C 55 -10.94 2.27 7.31
N LEU C 56 -10.04 2.44 8.18
CA LEU C 56 -9.19 3.61 8.21
C LEU C 56 -7.89 3.35 7.43
N PRO C 57 -7.30 4.40 6.85
CA PRO C 57 -6.09 4.21 6.06
C PRO C 57 -4.98 3.62 6.91
N GLY C 58 -4.20 2.71 6.31
CA GLY C 58 -3.13 2.05 7.03
C GLY C 58 -2.07 3.04 7.51
N ILE C 59 -1.77 3.03 8.81
CA ILE C 59 -0.78 3.93 9.39
C ILE C 59 0.03 3.17 10.44
N TYR C 60 1.20 3.71 10.79
CA TYR C 60 2.05 3.04 11.77
C TYR C 60 1.95 3.66 13.15
N ALA C 61 1.38 4.86 13.26
CA ALA C 61 1.19 5.51 14.54
C ALA C 61 0.10 6.55 14.38
N LEU C 62 -0.66 6.78 15.45
CA LEU C 62 -1.68 7.82 15.50
C LEU C 62 -1.00 9.13 15.86
N ASP C 63 -0.88 10.03 14.89
CA ASP C 63 -0.18 11.31 15.07
C ASP C 63 -0.79 12.37 14.15
N SER C 64 -0.13 13.53 14.11
CA SER C 64 -0.42 14.66 13.19
C SER C 64 0.25 15.97 13.61
N SER C 70 1.55 14.38 8.20
CA SER C 70 1.06 13.33 7.31
C SER C 70 -0.46 13.27 7.35
N ILE C 71 -1.08 13.27 6.16
CA ILE C 71 -2.53 13.36 6.09
C ILE C 71 -3.20 12.11 6.64
N ASP C 72 -2.70 10.94 6.24
CA ASP C 72 -3.34 9.68 6.62
C ASP C 72 -3.39 9.51 8.13
N GLU C 73 -2.31 9.84 8.82
CA GLU C 73 -2.27 9.74 10.28
C GLU C 73 -3.27 10.72 10.91
N SER C 74 -3.48 11.88 10.30
CA SER C 74 -4.43 12.87 10.79
C SER C 74 -5.87 12.37 10.64
N ILE C 75 -6.17 11.81 9.47
CA ILE C 75 -7.47 11.20 9.20
C ILE C 75 -7.77 10.10 10.21
N ALA C 76 -6.82 9.17 10.39
CA ALA C 76 -7.07 8.07 11.30
C ALA C 76 -7.18 8.57 12.73
N SER C 77 -6.28 9.47 13.13
CA SER C 77 -6.33 9.97 14.50
C SER C 77 -7.65 10.64 14.78
N ARG C 78 -8.10 11.52 13.87
CA ARG C 78 -9.40 12.17 14.05
C ARG C 78 -10.53 11.16 14.18
N ALA C 79 -10.59 10.17 13.29
CA ALA C 79 -11.69 9.22 13.39
C ALA C 79 -11.65 8.47 14.71
N VAL C 80 -10.46 8.03 15.13
CA VAL C 80 -10.37 7.33 16.39
C VAL C 80 -10.82 8.23 17.55
N LEU C 81 -10.61 9.55 17.43
CA LEU C 81 -11.03 10.45 18.51
C LEU C 81 -12.50 10.83 18.45
N THR C 82 -13.12 10.87 17.28
CA THR C 82 -14.43 11.49 17.18
C THR C 82 -15.52 10.58 16.65
N HIS C 83 -15.19 9.53 15.93
CA HIS C 83 -16.28 8.75 15.36
C HIS C 83 -16.95 7.94 16.47
N PRO C 84 -18.26 7.72 16.37
CA PRO C 84 -18.89 6.70 17.21
C PRO C 84 -18.32 5.34 16.85
N ALA C 85 -18.12 4.50 17.85
CA ALA C 85 -17.62 3.15 17.63
C ALA C 85 -18.01 2.31 18.82
N ASP C 86 -18.75 1.23 18.55
CA ASP C 86 -18.98 0.24 19.59
C ASP C 86 -17.77 -0.65 19.77
N VAL C 87 -16.88 -0.66 18.79
CA VAL C 87 -15.61 -1.37 18.92
C VAL C 87 -14.65 -0.92 17.84
N ILE C 88 -13.38 -0.80 18.21
CA ILE C 88 -12.30 -0.63 17.24
C ILE C 88 -11.61 -1.98 17.07
N ILE C 89 -11.59 -2.49 15.84
CA ILE C 89 -10.84 -3.72 15.52
C ILE C 89 -9.46 -3.33 15.02
N ASN C 90 -8.43 -3.63 15.82
CA ASN C 90 -7.04 -3.35 15.48
C ASN C 90 -6.43 -4.59 14.83
N VAL C 91 -6.26 -4.55 13.51
CA VAL C 91 -5.71 -5.69 12.76
C VAL C 91 -4.19 -5.62 12.81
N VAL C 92 -3.56 -6.74 13.20
CA VAL C 92 -2.13 -6.82 13.45
C VAL C 92 -1.57 -8.02 12.71
N ASP C 93 -0.55 -7.80 11.88
CA ASP C 93 0.16 -8.88 11.19
C ASP C 93 0.99 -9.62 12.23
N ALA C 94 0.60 -10.84 12.56
CA ALA C 94 1.30 -11.58 13.61
C ALA C 94 2.77 -11.82 13.27
N THR C 95 3.13 -11.81 11.98
CA THR C 95 4.52 -11.99 11.60
C THR C 95 5.36 -10.73 11.74
N CYS C 96 4.75 -9.59 12.05
CA CYS C 96 5.48 -8.34 12.26
C CYS C 96 5.01 -7.67 13.55
N LEU C 97 5.01 -8.46 14.63
CA LEU C 97 4.30 -8.09 15.85
C LEU C 97 4.85 -6.81 16.49
N GLU C 98 6.16 -6.76 16.72
CA GLU C 98 6.74 -5.68 17.51
C GLU C 98 6.42 -4.30 16.92
N ARG C 99 6.62 -4.14 15.62
CA ARG C 99 6.36 -2.85 14.98
C ARG C 99 4.87 -2.51 15.00
N SER C 100 4.01 -3.53 14.86
CA SER C 100 2.57 -3.32 14.76
C SER C 100 1.97 -2.89 16.09
N LEU C 101 2.54 -3.37 17.20
CA LEU C 101 1.98 -3.12 18.51
C LEU C 101 2.17 -1.68 18.96
N TYR C 102 3.00 -0.91 18.26
CA TYR C 102 3.16 0.48 18.65
C TYR C 102 1.80 1.17 18.59
N MET C 103 1.11 1.04 17.45
CA MET C 103 -0.21 1.66 17.38
C MET C 103 -1.18 1.02 18.35
N THR C 104 -1.01 -0.28 18.61
CA THR C 104 -1.88 -0.97 19.55
C THR C 104 -1.81 -0.34 20.94
N LEU C 105 -0.59 0.03 21.37
CA LEU C 105 -0.44 0.71 22.66
C LEU C 105 -1.18 2.05 22.67
N GLN C 106 -1.03 2.82 21.60
CA GLN C 106 -1.72 4.11 21.53
C GLN C 106 -3.22 3.94 21.60
N LEU C 107 -3.74 2.98 20.84
CA LEU C 107 -5.17 2.69 20.89
C LEU C 107 -5.59 2.22 22.27
N ARG C 108 -4.75 1.45 22.97
CA ARG C 108 -5.12 1.00 24.30
C ARG C 108 -5.15 2.16 25.30
N GLU C 109 -4.27 3.15 25.15
CA GLU C 109 -4.30 4.32 26.04
C GLU C 109 -5.59 5.11 25.93
N LEU C 110 -6.26 5.06 24.77
CA LEU C 110 -7.53 5.78 24.60
C LEU C 110 -8.62 5.23 25.52
N ARG C 111 -8.54 3.93 25.82
CA ARG C 111 -9.50 3.18 26.61
C ARG C 111 -10.88 3.09 25.92
N ARG C 112 -10.93 3.21 24.61
CA ARG C 112 -12.19 2.93 23.90
C ARG C 112 -12.32 1.41 23.71
N PRO C 113 -13.54 0.88 23.62
CA PRO C 113 -13.69 -0.58 23.46
C PRO C 113 -12.97 -1.02 22.20
N MET C 114 -12.14 -2.05 22.31
CA MET C 114 -11.38 -2.48 21.15
C MET C 114 -10.97 -3.95 21.31
N ILE C 115 -10.54 -4.53 20.19
CA ILE C 115 -10.00 -5.88 20.18
C ILE C 115 -8.79 -5.88 19.25
N VAL C 116 -7.88 -6.82 19.47
CA VAL C 116 -6.76 -7.04 18.55
C VAL C 116 -7.09 -8.28 17.72
N VAL C 117 -7.02 -8.16 16.41
CA VAL C 117 -7.08 -9.33 15.55
C VAL C 117 -5.67 -9.61 15.07
N LEU C 118 -5.09 -10.70 15.58
CA LEU C 118 -3.79 -11.16 15.08
C LEU C 118 -4.03 -11.94 13.79
N ASN C 119 -3.59 -11.38 12.69
CA ASN C 119 -3.87 -11.95 11.39
C ASN C 119 -2.62 -12.68 10.87
N LYS C 120 -2.85 -13.50 9.85
CA LYS C 120 -1.79 -14.23 9.15
C LYS C 120 -1.15 -15.29 10.05
N MET C 121 -1.95 -15.89 10.94
CA MET C 121 -1.43 -16.98 11.76
C MET C 121 -0.94 -18.16 10.90
N ASP C 122 -1.53 -18.34 9.71
CA ASP C 122 -1.00 -19.37 8.80
C ASP C 122 0.43 -19.06 8.38
N ALA C 123 0.73 -17.80 8.04
CA ALA C 123 2.11 -17.43 7.69
C ALA C 123 3.04 -17.54 8.89
N LEU C 124 2.54 -17.24 10.09
CA LEU C 124 3.36 -17.38 11.29
C LEU C 124 3.79 -18.84 11.49
N LYS C 125 2.86 -19.77 11.27
CA LYS C 125 3.16 -21.19 11.41
C LYS C 125 4.25 -21.62 10.44
N ARG C 126 4.18 -21.13 9.20
CA ARG C 126 5.18 -21.50 8.19
C ARG C 126 6.57 -20.99 8.56
N GLU C 127 6.66 -19.87 9.27
CA GLU C 127 7.95 -19.32 9.67
C GLU C 127 8.49 -19.95 10.94
N ARG C 128 7.76 -20.92 11.52
CA ARG C 128 8.16 -21.61 12.75
C ARG C 128 8.29 -20.66 13.93
N VAL C 129 7.40 -19.68 14.02
CA VAL C 129 7.31 -18.76 15.14
C VAL C 129 6.11 -19.13 16.00
N HIS C 130 6.26 -19.06 17.30
CA HIS C 130 5.19 -19.39 18.24
C HIS C 130 4.89 -18.16 19.08
N LEU C 131 3.62 -17.83 19.22
CA LEU C 131 3.19 -16.71 20.04
C LEU C 131 2.41 -17.20 21.26
N ASP C 132 2.78 -16.70 22.43
CA ASP C 132 1.98 -16.95 23.63
C ASP C 132 0.81 -15.97 23.61
N LEU C 133 -0.34 -16.45 23.12
CA LEU C 133 -1.53 -15.60 23.01
C LEU C 133 -2.13 -15.29 24.37
N LYS C 134 -2.05 -16.23 25.31
CA LYS C 134 -2.61 -16.01 26.64
C LYS C 134 -1.85 -14.91 27.36
N GLN C 135 -0.52 -14.92 27.26
CA GLN C 135 0.30 -13.86 27.85
C GLN C 135 0.10 -12.53 27.15
N LEU C 136 0.02 -12.55 25.81
CA LEU C 136 -0.18 -11.32 25.07
C LEU C 136 -1.47 -10.65 25.48
N GLU C 137 -2.56 -11.42 25.57
CA GLU C 137 -3.83 -10.86 25.98
C GLU C 137 -3.75 -10.31 27.40
N ALA C 138 -3.03 -11.02 28.26
CA ALA C 138 -2.87 -10.58 29.64
C ALA C 138 -2.13 -9.25 29.71
N PHE C 139 -1.11 -9.06 28.87
CA PHE C 139 -0.38 -7.80 28.90
C PHE C 139 -1.21 -6.66 28.31
N LEU C 140 -1.91 -6.93 27.21
CA LEU C 140 -2.66 -5.86 26.55
C LEU C 140 -3.96 -5.48 27.26
N GLY C 141 -4.58 -6.41 27.98
CA GLY C 141 -5.82 -6.12 28.68
C GLY C 141 -7.03 -5.91 27.80
N CYS C 142 -7.03 -6.44 26.59
CA CYS C 142 -8.22 -6.46 25.74
C CYS C 142 -8.25 -7.82 25.04
N PRO C 143 -9.40 -8.19 24.49
CA PRO C 143 -9.46 -9.45 23.73
C PRO C 143 -8.46 -9.49 22.57
N VAL C 144 -7.78 -10.64 22.43
CA VAL C 144 -6.91 -10.93 21.30
C VAL C 144 -7.48 -12.16 20.58
N LEU C 145 -7.83 -11.99 19.31
CA LEU C 145 -8.39 -13.05 18.48
C LEU C 145 -7.41 -13.32 17.35
N ALA C 146 -7.02 -14.58 17.20
CA ALA C 146 -6.03 -14.97 16.19
C ALA C 146 -6.78 -15.58 15.01
N LEU C 147 -6.31 -15.30 13.81
CA LEU C 147 -7.12 -15.58 12.64
C LEU C 147 -6.22 -15.61 11.43
N SER C 148 -6.73 -16.21 10.35
CA SER C 148 -6.17 -16.00 9.03
C SER C 148 -7.29 -15.44 8.17
N ALA C 149 -7.20 -14.16 7.83
CA ALA C 149 -8.30 -13.50 7.13
C ALA C 149 -8.50 -14.05 5.73
N ASN C 150 -7.52 -14.76 5.19
CA ASN C 150 -7.72 -15.40 3.90
C ASN C 150 -8.46 -16.72 4.02
N ASN C 151 -8.93 -17.10 5.21
CA ASN C 151 -9.68 -18.33 5.40
C ASN C 151 -11.13 -17.98 5.67
N LYS C 152 -12.00 -18.26 4.68
CA LYS C 152 -13.42 -17.90 4.77
C LYS C 152 -14.08 -18.45 6.03
N GLU C 153 -13.75 -19.68 6.42
CA GLU C 153 -14.39 -20.27 7.58
C GLU C 153 -14.02 -19.53 8.86
N GLN C 154 -12.75 -19.13 8.99
CA GLN C 154 -12.32 -18.45 10.20
C GLN C 154 -12.94 -17.07 10.28
N VAL C 155 -13.16 -16.43 9.14
CA VAL C 155 -13.81 -15.12 9.14
C VAL C 155 -15.28 -15.25 9.58
N ARG C 156 -15.96 -16.28 9.10
CA ARG C 156 -17.35 -16.48 9.51
C ARG C 156 -17.44 -16.73 11.02
N ARG C 157 -16.53 -17.54 11.56
CA ARG C 157 -16.50 -17.74 13.00
C ARG C 157 -16.13 -16.45 13.74
N PHE C 158 -15.22 -15.65 13.17
CA PHE C 158 -14.89 -14.36 13.77
C PHE C 158 -16.13 -13.48 13.90
N LYS C 159 -16.97 -13.47 12.86
CA LYS C 159 -18.21 -12.70 12.90
C LYS C 159 -19.04 -13.08 14.11
N GLU C 160 -19.10 -14.38 14.41
CA GLU C 160 -19.89 -14.83 15.55
C GLU C 160 -19.25 -14.34 16.85
N LYS C 161 -17.93 -14.50 16.97
CA LYS C 161 -17.24 -14.03 18.18
C LYS C 161 -17.40 -12.52 18.36
N LEU C 162 -17.26 -11.76 17.27
CA LEU C 162 -17.44 -10.30 17.34
C LEU C 162 -18.83 -9.94 17.81
N HIS C 163 -19.85 -10.57 17.22
CA HIS C 163 -21.22 -10.29 17.64
C HIS C 163 -21.39 -10.55 19.14
N LYS C 164 -20.87 -11.68 19.63
CA LYS C 164 -21.01 -12.01 21.04
C LYS C 164 -20.31 -11.00 21.95
N LEU C 165 -19.12 -10.53 21.55
CA LEU C 165 -18.42 -9.52 22.35
C LEU C 165 -19.20 -8.21 22.37
N LEU C 166 -19.81 -7.84 21.25
CA LEU C 166 -20.53 -6.57 21.17
C LEU C 166 -21.78 -6.60 22.02
N VAL C 167 -22.46 -7.75 22.06
CA VAL C 167 -23.66 -7.88 22.90
C VAL C 167 -23.27 -7.90 24.38
N GLN C 168 -22.24 -8.67 24.72
CA GLN C 168 -21.85 -8.83 26.12
C GLN C 168 -21.13 -7.60 26.64
N GLY C 169 -20.51 -6.82 25.76
CA GLY C 169 -19.67 -5.72 26.18
C GLY C 169 -18.25 -6.20 26.33
N ILE C 170 -17.27 -5.37 25.97
CA ILE C 170 -15.87 -5.76 25.97
C ILE C 170 -15.23 -5.35 27.28
N ALA C 171 -14.74 -6.35 28.01
CA ALA C 171 -14.06 -6.10 29.28
C ALA C 171 -12.63 -5.64 29.01
N LEU C 172 -12.27 -4.47 29.51
CA LEU C 172 -10.93 -3.90 29.35
C LEU C 172 -10.23 -3.81 30.69
N LYS C 173 -8.93 -4.11 30.67
CA LYS C 173 -8.04 -3.82 31.78
C LYS C 173 -6.91 -2.97 31.20
N GLN C 174 -6.53 -1.92 31.92
CA GLN C 174 -5.58 -0.94 31.42
C GLN C 174 -4.17 -1.49 31.35
N ILE C 175 -3.40 -1.01 30.38
CA ILE C 175 -2.02 -1.44 30.20
C ILE C 175 -1.14 -0.88 31.31
N GLU C 176 -0.28 -1.76 31.86
CA GLU C 176 0.73 -1.47 32.87
C GLU C 176 1.91 -0.78 32.17
N LEU C 177 1.83 0.54 32.07
CA LEU C 177 2.88 1.31 31.42
C LEU C 177 2.93 2.69 32.07
N HIS C 178 4.13 3.11 32.49
CA HIS C 178 4.30 4.45 33.03
C HIS C 178 5.45 5.16 32.32
N TYR C 179 5.37 6.50 32.33
CA TYR C 179 6.31 7.38 31.65
C TYR C 179 7.30 8.06 32.59
N GLY C 180 7.38 7.63 33.85
CA GLY C 180 8.31 8.23 34.79
C GLY C 180 7.67 9.32 35.64
N ALA C 181 8.30 9.58 36.79
CA ALA C 181 7.70 10.47 37.78
C ALA C 181 7.39 11.84 37.20
N GLU C 182 8.35 12.45 36.48
CA GLU C 182 8.15 13.80 35.98
C GLU C 182 6.99 13.86 35.01
N PHE C 183 7.04 13.04 33.97
CA PHE C 183 6.01 13.13 32.94
C PHE C 183 4.64 12.73 33.50
N GLU C 184 4.61 11.73 34.38
CA GLU C 184 3.33 11.33 34.95
C GLU C 184 2.72 12.45 35.78
N SER C 185 3.55 13.28 36.42
CA SER C 185 3.01 14.43 37.16
C SER C 185 2.37 15.43 36.20
N LEU C 186 3.00 15.67 35.06
CA LEU C 186 2.42 16.56 34.05
C LEU C 186 1.09 16.02 33.53
N ILE C 187 1.00 14.69 33.32
CA ILE C 187 -0.26 14.10 32.88
C ILE C 187 -1.35 14.33 33.92
N HIS C 188 -1.03 14.03 35.19
CA HIS C 188 -2.01 14.20 36.25
C HIS C 188 -2.46 15.65 36.37
N GLU C 189 -1.56 16.60 36.07
CA GLU C 189 -1.93 18.01 36.11
C GLU C 189 -2.94 18.37 35.01
N LEU C 190 -2.79 17.80 33.81
CA LEU C 190 -3.65 18.20 32.70
C LEU C 190 -4.92 17.39 32.59
N GLU C 191 -4.95 16.18 33.14
CA GLU C 191 -6.12 15.31 33.05
C GLU C 191 -7.43 16.02 33.41
N PRO C 192 -7.51 16.87 34.46
CA PRO C 192 -8.80 17.51 34.77
C PRO C 192 -9.39 18.33 33.63
N MET C 193 -8.56 18.94 32.78
CA MET C 193 -9.08 19.69 31.64
C MET C 193 -9.81 18.80 30.65
N PHE C 194 -9.51 17.50 30.64
CA PHE C 194 -9.91 16.58 29.58
C PHE C 194 -10.93 15.56 30.07
N ALA C 195 -11.55 15.81 31.22
CA ALA C 195 -12.33 14.77 31.89
C ALA C 195 -13.65 14.44 31.21
N GLU C 196 -14.01 15.10 30.10
CA GLU C 196 -15.39 15.09 29.63
C GLU C 196 -15.54 14.51 28.22
N GLN C 197 -14.74 13.49 27.87
CA GLN C 197 -14.66 13.09 26.46
C GLN C 197 -14.89 11.59 26.30
N ALA C 198 -14.95 11.15 25.04
CA ALA C 198 -15.09 9.73 24.73
C ALA C 198 -13.78 8.97 24.91
N VAL C 199 -12.67 9.63 24.67
CA VAL C 199 -11.33 9.11 24.86
C VAL C 199 -10.89 9.42 26.28
N SER C 200 -9.98 8.62 26.83
CA SER C 200 -9.58 8.81 28.22
C SER C 200 -8.87 10.15 28.40
N ALA C 201 -9.08 10.77 29.57
CA ALA C 201 -8.38 12.00 29.91
C ALA C 201 -6.87 11.81 29.87
N ARG C 202 -6.38 10.64 30.31
CA ARG C 202 -4.94 10.38 30.28
C ARG C 202 -4.41 10.49 28.86
N ALA C 203 -5.05 9.82 27.90
CA ALA C 203 -4.57 9.87 26.53
C ALA C 203 -4.62 11.30 25.98
N LEU C 204 -5.69 12.02 26.26
CA LEU C 204 -5.78 13.41 25.78
C LEU C 204 -4.65 14.26 26.36
N ALA C 205 -4.37 14.08 27.66
CA ALA C 205 -3.27 14.84 28.28
C ALA C 205 -1.94 14.50 27.62
N ILE C 206 -1.67 13.22 27.39
CA ILE C 206 -0.43 12.84 26.71
C ILE C 206 -0.35 13.49 25.33
N ARG C 207 -1.44 13.44 24.57
CA ARG C 207 -1.44 14.05 23.25
C ARG C 207 -1.19 15.56 23.35
N ALA C 208 -1.85 16.21 24.30
CA ALA C 208 -1.59 17.64 24.54
C ALA C 208 -0.13 17.89 24.84
N LEU C 209 0.48 17.08 25.73
CA LEU C 209 1.89 17.27 26.03
C LEU C 209 2.77 17.05 24.82
N GLU C 210 2.37 16.11 23.95
CA GLU C 210 3.08 15.88 22.69
C GLU C 210 2.78 16.96 21.65
N ASN C 211 1.90 17.91 21.97
CA ASN C 211 1.56 19.02 21.09
C ASN C 211 0.79 18.55 19.86
N ASP C 212 -0.11 17.60 20.11
CA ASP C 212 -1.07 17.14 19.11
C ASP C 212 -2.04 18.27 18.72
N ARG C 213 -1.95 18.71 17.46
CA ARG C 213 -2.62 19.92 17.01
C ARG C 213 -4.14 19.81 17.10
N LEU C 214 -4.70 18.68 16.66
CA LEU C 214 -6.14 18.45 16.82
C LEU C 214 -6.59 18.59 18.26
N VAL C 215 -5.81 18.07 19.22
CA VAL C 215 -6.18 18.19 20.62
C VAL C 215 -6.01 19.63 21.10
N ILE C 216 -4.88 20.25 20.75
CA ILE C 216 -4.54 21.57 21.25
C ILE C 216 -5.53 22.61 20.72
N ASN C 217 -5.86 22.52 19.43
CA ASN C 217 -6.64 23.56 18.78
C ASN C 217 -8.06 23.65 19.30
N GLY C 218 -8.55 22.59 19.94
CA GLY C 218 -9.83 22.62 20.59
C GLY C 218 -9.82 23.17 21.99
N LEU C 219 -8.68 23.67 22.46
CA LEU C 219 -8.56 24.13 23.84
C LEU C 219 -8.82 25.63 23.96
N LYS C 220 -9.30 26.03 25.13
CA LYS C 220 -9.39 27.43 25.50
C LYS C 220 -8.00 28.04 25.64
N GLU C 221 -7.93 29.36 25.59
CA GLU C 221 -6.66 30.06 25.79
C GLU C 221 -6.20 29.98 27.26
N ARG C 224 -4.92 26.28 27.16
CA ARG C 224 -3.92 26.07 26.12
C ARG C 224 -2.60 26.68 26.54
N GLN C 225 -2.68 27.86 27.16
CA GLN C 225 -1.50 28.46 27.77
C GLN C 225 -0.95 27.56 28.87
N ASN C 226 -1.85 26.91 29.62
CA ASN C 226 -1.43 26.00 30.68
C ASN C 226 -0.66 24.82 30.10
N VAL C 227 -1.15 24.27 29.00
CA VAL C 227 -0.46 23.16 28.33
C VAL C 227 0.94 23.60 27.92
N GLU C 228 1.03 24.73 27.22
CA GLU C 228 2.31 25.16 26.65
C GLU C 228 3.29 25.59 27.74
N GLN C 229 2.79 25.98 28.91
CA GLN C 229 3.67 26.25 30.04
C GLN C 229 4.32 24.95 30.55
N ARG C 230 3.50 23.91 30.72
CA ARG C 230 4.02 22.63 31.20
C ARG C 230 5.03 22.04 30.22
N GLN C 231 4.82 22.26 28.92
CA GLN C 231 5.78 21.82 27.91
C GLN C 231 7.14 22.45 28.15
N HIS C 232 7.17 23.77 28.42
CA HIS C 232 8.43 24.46 28.65
C HIS C 232 9.08 24.07 29.97
N GLU C 233 8.30 23.70 30.97
CA GLU C 233 8.87 23.29 32.25
C GLU C 233 9.53 21.92 32.18
N CYS C 234 9.17 21.11 31.20
CA CYS C 234 9.61 19.71 31.18
C CYS C 234 11.10 19.64 30.88
N GLN C 235 11.87 19.07 31.81
CA GLN C 235 13.32 19.05 31.68
C GLN C 235 13.79 18.18 30.53
N VAL C 236 13.03 17.15 30.19
CA VAL C 236 13.48 16.15 29.22
C VAL C 236 12.56 16.19 28.01
N ASP C 237 13.08 15.70 26.88
CA ASP C 237 12.41 15.85 25.60
C ASP C 237 11.23 14.89 25.53
N ILE C 238 10.02 15.45 25.42
CA ILE C 238 8.78 14.69 25.50
C ILE C 238 8.69 13.67 24.37
N ASP C 239 8.94 14.11 23.13
CA ASP C 239 8.82 13.20 22.00
C ASP C 239 9.75 11.99 22.15
N LEU C 240 10.98 12.23 22.58
CA LEU C 240 11.91 11.13 22.82
C LEU C 240 11.44 10.24 23.95
N LEU C 241 10.99 10.83 25.06
CA LEU C 241 10.56 10.05 26.22
C LEU C 241 9.43 9.10 25.85
N VAL C 242 8.36 9.63 25.28
CA VAL C 242 7.18 8.82 25.00
C VAL C 242 7.51 7.66 24.06
N ALA C 243 8.30 7.94 23.02
CA ALA C 243 8.68 6.90 22.07
C ALA C 243 9.56 5.85 22.74
N ASN C 244 10.58 6.29 23.49
CA ASN C 244 11.50 5.34 24.12
C ASN C 244 10.77 4.44 25.10
N VAL C 245 9.86 5.01 25.89
CA VAL C 245 9.10 4.23 26.87
C VAL C 245 8.28 3.16 26.18
N ARG C 246 7.59 3.53 25.09
CA ARG C 246 6.77 2.56 24.38
C ARG C 246 7.62 1.49 23.71
N TYR C 247 8.72 1.87 23.08
CA TYR C 247 9.54 0.86 22.41
C TYR C 247 10.22 -0.07 23.41
N THR C 248 10.59 0.44 24.59
CA THR C 248 11.13 -0.43 25.63
C THR C 248 10.09 -1.43 26.12
N TYR C 249 8.86 -0.95 26.33
CA TYR C 249 7.78 -1.84 26.75
C TYR C 249 7.53 -2.93 25.71
N LEU C 250 7.45 -2.53 24.43
CA LEU C 250 7.12 -3.48 23.39
C LEU C 250 8.23 -4.51 23.17
N HIS C 251 9.48 -4.06 23.23
CA HIS C 251 10.59 -5.01 23.09
C HIS C 251 10.54 -6.06 24.17
N GLU C 252 10.26 -5.65 25.41
CA GLU C 252 10.16 -6.57 26.54
C GLU C 252 9.02 -7.56 26.35
N LEU C 253 7.85 -7.05 26.02
CA LEU C 253 6.68 -7.86 25.70
C LEU C 253 7.00 -8.94 24.69
N CYS C 254 7.62 -8.56 23.57
CA CYS C 254 7.80 -9.50 22.48
C CYS C 254 8.81 -10.57 22.84
N THR C 255 9.85 -10.23 23.63
CA THR C 255 10.79 -11.26 24.07
C THR C 255 10.12 -12.30 24.97
N HIS C 256 9.01 -11.95 25.61
CA HIS C 256 8.29 -12.93 26.42
C HIS C 256 7.23 -13.70 25.64
N VAL C 257 6.62 -13.11 24.61
CA VAL C 257 5.51 -13.77 23.95
C VAL C 257 5.92 -14.51 22.69
N ARG C 258 7.01 -14.07 22.04
CA ARG C 258 7.44 -14.60 20.77
C ARG C 258 8.63 -15.55 20.97
N ARG C 259 8.53 -16.73 20.42
CA ARG C 259 9.65 -17.68 20.44
C ARG C 259 9.83 -18.31 19.06
N THR C 260 11.08 -18.54 18.69
CA THR C 260 11.40 -19.15 17.41
C THR C 260 11.83 -20.60 17.60
N SER D 1 -55.73 25.81 4.35
CA SER D 1 -54.50 25.40 3.69
C SER D 1 -54.28 23.91 3.88
N LYS D 2 -53.54 23.30 2.97
CA LYS D 2 -53.15 21.89 3.10
C LYS D 2 -51.63 21.82 3.13
N TYR D 3 -51.07 21.33 4.23
CA TYR D 3 -49.63 21.23 4.42
C TYR D 3 -49.17 19.79 4.28
N GLN D 4 -48.06 19.57 3.57
CA GLN D 4 -47.46 18.24 3.42
C GLN D 4 -46.26 18.11 4.35
N VAL D 5 -46.21 17.02 5.11
CA VAL D 5 -45.24 16.82 6.17
C VAL D 5 -44.60 15.46 5.95
N LEU D 6 -43.27 15.44 5.94
CA LEU D 6 -42.50 14.21 5.88
C LEU D 6 -41.91 13.94 7.25
N THR D 7 -41.91 12.67 7.67
CA THR D 7 -41.32 12.32 8.96
C THR D 7 -40.18 11.33 8.71
N VAL D 8 -39.01 11.62 9.28
CA VAL D 8 -37.81 10.84 8.98
C VAL D 8 -36.97 10.75 10.26
N GLY D 9 -36.26 9.64 10.43
CA GLY D 9 -35.40 9.53 11.59
C GLY D 9 -34.72 8.17 11.60
N ASN D 10 -33.82 8.01 12.58
CA ASN D 10 -33.24 6.70 12.84
C ASN D 10 -34.31 5.76 13.38
N PRO D 11 -34.18 4.45 13.11
CA PRO D 11 -35.04 3.49 13.82
C PRO D 11 -34.92 3.70 15.32
N ASN D 12 -36.00 3.40 16.04
CA ASN D 12 -36.07 3.57 17.49
C ASN D 12 -35.97 5.02 17.94
N SER D 13 -36.23 6.00 17.06
CA SER D 13 -36.25 7.39 17.53
C SER D 13 -37.55 7.75 18.23
N GLY D 14 -38.59 6.93 18.05
CA GLY D 14 -39.92 7.24 18.48
C GLY D 14 -40.82 7.70 17.36
N LYS D 15 -40.45 7.48 16.10
CA LYS D 15 -41.20 8.07 14.99
C LYS D 15 -42.61 7.51 14.91
N THR D 16 -42.76 6.20 15.08
CA THR D 16 -44.08 5.59 15.04
C THR D 16 -44.96 6.14 16.16
N THR D 17 -44.38 6.30 17.35
CA THR D 17 -45.13 6.80 18.48
C THR D 17 -45.61 8.22 18.22
N LEU D 18 -44.75 9.06 17.63
CA LEU D 18 -45.18 10.42 17.29
C LEU D 18 -46.22 10.42 16.19
N PHE D 19 -46.01 9.61 15.15
CA PHE D 19 -46.96 9.54 14.04
C PHE D 19 -48.35 9.13 14.52
N ASN D 20 -48.40 8.15 15.43
CA ASN D 20 -49.68 7.71 15.99
C ASN D 20 -50.34 8.83 16.81
N GLY D 21 -49.55 9.53 17.62
CA GLY D 21 -50.10 10.61 18.41
C GLY D 21 -50.64 11.75 17.56
N LEU D 22 -49.97 12.03 16.43
CA LEU D 22 -50.42 13.10 15.54
C LEU D 22 -51.70 12.73 14.79
N THR D 23 -51.77 11.50 14.25
CA THR D 23 -52.81 11.12 13.33
C THR D 23 -53.94 10.28 13.95
N GLY D 24 -53.68 9.59 15.05
CA GLY D 24 -54.66 8.68 15.62
C GLY D 24 -55.09 7.63 14.62
N ALA D 25 -56.40 7.50 14.39
CA ALA D 25 -56.92 6.46 13.51
C ALA D 25 -56.85 6.81 12.04
N LYS D 26 -56.57 8.07 11.70
CA LYS D 26 -56.50 8.50 10.30
C LYS D 26 -55.12 8.19 9.72
N GLN D 27 -54.84 6.89 9.59
CA GLN D 27 -53.64 6.39 8.95
C GLN D 27 -54.00 5.33 7.92
N GLN D 28 -53.20 5.26 6.87
CA GLN D 28 -53.36 4.26 5.82
C GLN D 28 -52.01 3.63 5.52
N VAL D 29 -52.03 2.34 5.22
CA VAL D 29 -50.80 1.61 4.90
C VAL D 29 -50.92 1.04 3.49
N GLY D 30 -50.00 1.43 2.63
CA GLY D 30 -49.99 0.93 1.27
C GLY D 30 -48.60 0.47 0.90
N ASN D 31 -48.23 0.78 -0.34
CA ASN D 31 -47.01 0.29 -0.96
C ASN D 31 -46.32 1.44 -1.65
N TRP D 32 -45.00 1.53 -1.48
CA TRP D 32 -44.22 2.45 -2.31
C TRP D 32 -44.19 1.93 -3.74
N ALA D 33 -44.31 2.84 -4.69
CA ALA D 33 -44.55 2.44 -6.08
C ALA D 33 -43.35 1.66 -6.62
N GLY D 34 -43.62 0.43 -7.09
CA GLY D 34 -42.62 -0.39 -7.73
C GLY D 34 -41.94 -1.41 -6.85
N VAL D 35 -42.20 -1.38 -5.55
CA VAL D 35 -41.57 -2.29 -4.58
C VAL D 35 -42.64 -2.78 -3.62
N THR D 36 -42.23 -3.66 -2.69
CA THR D 36 -43.14 -4.22 -1.68
C THR D 36 -43.07 -3.50 -0.34
N VAL D 37 -42.16 -2.53 -0.19
CA VAL D 37 -42.02 -1.80 1.07
C VAL D 37 -43.33 -1.08 1.40
N GLU D 38 -43.78 -1.24 2.64
CA GLU D 38 -45.02 -0.59 3.03
C GLU D 38 -44.82 0.93 3.12
N LYS D 39 -45.88 1.65 2.78
CA LYS D 39 -45.92 3.11 2.75
C LYS D 39 -47.03 3.56 3.70
N LYS D 40 -46.66 4.30 4.74
CA LYS D 40 -47.61 4.78 5.73
C LYS D 40 -47.88 6.26 5.52
N THR D 41 -49.16 6.63 5.48
CA THR D 41 -49.61 8.02 5.35
C THR D 41 -50.67 8.31 6.40
N GLY D 42 -50.92 9.59 6.64
CA GLY D 42 -51.86 9.94 7.68
C GLY D 42 -52.21 11.40 7.55
N SER D 43 -53.19 11.83 8.33
CA SER D 43 -53.56 13.24 8.28
C SER D 43 -54.18 13.66 9.61
N PHE D 44 -54.26 14.98 9.78
CA PHE D 44 -55.05 15.57 10.85
C PHE D 44 -55.39 17.00 10.46
N VAL D 45 -56.36 17.56 11.16
CA VAL D 45 -56.81 18.92 10.91
C VAL D 45 -56.57 19.75 12.16
N HIS D 46 -56.03 20.95 11.98
CA HIS D 46 -55.76 21.81 13.12
C HIS D 46 -56.09 23.25 12.75
N ALA D 47 -56.94 23.88 13.55
CA ALA D 47 -57.33 25.28 13.37
C ALA D 47 -57.66 25.58 11.92
N GLY D 48 -58.41 24.66 11.31
CA GLY D 48 -58.95 24.84 9.98
C GLY D 48 -58.06 24.42 8.82
N ASP D 49 -56.80 24.06 9.07
CA ASP D 49 -55.88 23.62 8.02
C ASP D 49 -55.66 22.11 8.08
N GLU D 50 -55.41 21.51 6.92
CA GLU D 50 -55.17 20.08 6.81
C GLU D 50 -53.67 19.80 6.81
N PHE D 51 -53.28 18.67 7.38
CA PHE D 51 -51.88 18.27 7.43
C PHE D 51 -51.81 16.84 6.90
N SER D 52 -51.17 16.66 5.74
CA SER D 52 -51.00 15.34 5.14
C SER D 52 -49.59 14.86 5.43
N LEU D 53 -49.49 13.72 6.14
CA LEU D 53 -48.23 13.20 6.63
C LEU D 53 -47.85 11.95 5.85
N THR D 54 -46.59 11.88 5.43
CA THR D 54 -46.00 10.68 4.84
C THR D 54 -44.82 10.26 5.70
N ASP D 55 -44.85 9.04 6.21
CA ASP D 55 -43.74 8.50 6.98
C ASP D 55 -42.71 7.87 6.05
N LEU D 56 -41.43 8.04 6.40
CA LEU D 56 -40.37 7.40 5.66
C LEU D 56 -39.78 6.25 6.48
N PRO D 57 -39.34 5.17 5.85
CA PRO D 57 -38.67 4.11 6.60
C PRO D 57 -37.43 4.64 7.31
N GLY D 58 -37.21 4.16 8.54
CA GLY D 58 -36.08 4.58 9.34
C GLY D 58 -34.73 4.36 8.69
N ILE D 59 -33.88 5.37 8.76
CA ILE D 59 -32.55 5.34 8.18
C ILE D 59 -31.55 6.01 9.11
N TYR D 60 -30.30 5.58 9.00
CA TYR D 60 -29.22 6.12 9.81
C TYR D 60 -28.39 7.13 9.05
N ALA D 61 -28.48 7.15 7.73
CA ALA D 61 -27.77 8.10 6.89
C ALA D 61 -28.42 8.09 5.51
N LEU D 62 -28.14 9.14 4.73
CA LEU D 62 -28.60 9.17 3.35
C LEU D 62 -27.77 8.22 2.48
N ASP D 63 -28.23 8.05 1.25
CA ASP D 63 -27.61 7.11 0.31
C ASP D 63 -26.15 7.43 0.05
N SER D 64 -25.30 6.40 0.13
CA SER D 64 -23.88 6.54 -0.12
C SER D 64 -23.41 5.75 -1.33
N GLY D 65 -24.34 5.21 -2.10
CA GLY D 65 -23.99 4.32 -3.20
C GLY D 65 -24.47 2.91 -2.91
N SER D 70 -30.40 -2.10 1.45
CA SER D 70 -31.84 -2.20 1.62
C SER D 70 -32.61 -1.27 0.70
N ILE D 71 -33.72 -1.78 0.15
CA ILE D 71 -34.59 -0.95 -0.68
C ILE D 71 -35.32 0.09 0.19
N ASP D 72 -35.72 -0.26 1.41
CA ASP D 72 -36.39 0.71 2.27
C ASP D 72 -35.52 1.93 2.53
N GLU D 73 -34.24 1.70 2.83
CA GLU D 73 -33.32 2.80 3.08
C GLU D 73 -33.13 3.65 1.83
N SER D 74 -33.12 3.02 0.65
CA SER D 74 -33.00 3.77 -0.58
C SER D 74 -34.23 4.62 -0.83
N ILE D 75 -35.42 4.12 -0.47
CA ILE D 75 -36.67 4.86 -0.63
C ILE D 75 -36.66 6.10 0.23
N ALA D 76 -36.26 5.96 1.49
CA ALA D 76 -36.19 7.10 2.40
C ALA D 76 -35.22 8.15 1.87
N SER D 77 -34.02 7.70 1.45
CA SER D 77 -33.01 8.63 0.95
C SER D 77 -33.51 9.37 -0.29
N ARG D 78 -34.15 8.66 -1.21
CA ARG D 78 -34.68 9.31 -2.40
C ARG D 78 -35.73 10.35 -2.05
N ALA D 79 -36.67 9.98 -1.16
CA ALA D 79 -37.83 10.81 -0.85
C ALA D 79 -37.42 12.14 -0.22
N VAL D 80 -36.42 12.10 0.66
CA VAL D 80 -35.87 13.30 1.29
C VAL D 80 -35.43 14.32 0.24
N LEU D 81 -34.92 13.87 -0.91
CA LEU D 81 -34.58 14.78 -1.99
C LEU D 81 -35.81 15.20 -2.81
N THR D 82 -36.70 14.25 -3.13
CA THR D 82 -37.69 14.48 -4.19
C THR D 82 -39.15 14.54 -3.74
N HIS D 83 -39.50 14.03 -2.59
CA HIS D 83 -40.92 14.04 -2.24
C HIS D 83 -41.35 15.46 -1.84
N PRO D 84 -42.50 15.96 -2.32
CA PRO D 84 -42.91 17.31 -1.91
C PRO D 84 -43.13 17.36 -0.41
N ALA D 85 -42.76 18.49 0.19
CA ALA D 85 -42.97 18.67 1.62
C ALA D 85 -42.92 20.15 1.96
N ASP D 86 -43.91 20.62 2.72
CA ASP D 86 -43.77 21.94 3.33
C ASP D 86 -42.81 21.92 4.52
N VAL D 87 -42.65 20.77 5.16
CA VAL D 87 -41.63 20.65 6.19
C VAL D 87 -41.23 19.19 6.30
N ILE D 88 -39.96 18.95 6.61
CA ILE D 88 -39.49 17.62 6.98
C ILE D 88 -39.28 17.60 8.48
N ILE D 89 -39.96 16.69 9.18
CA ILE D 89 -39.79 16.53 10.61
C ILE D 89 -38.75 15.44 10.84
N ASN D 90 -37.62 15.79 11.42
CA ASN D 90 -36.51 14.86 11.71
C ASN D 90 -36.62 14.54 13.18
N VAL D 91 -37.14 13.34 13.47
CA VAL D 91 -37.31 12.85 14.83
C VAL D 91 -35.97 12.28 15.31
N VAL D 92 -35.51 12.74 16.47
CA VAL D 92 -34.20 12.39 16.99
C VAL D 92 -34.35 11.91 18.43
N ASP D 93 -33.72 10.78 18.75
CA ASP D 93 -33.66 10.32 20.14
C ASP D 93 -32.67 11.20 20.90
N ALA D 94 -33.18 11.95 21.90
CA ALA D 94 -32.34 12.92 22.59
C ALA D 94 -31.24 12.26 23.41
N THR D 95 -31.43 11.00 23.80
CA THR D 95 -30.39 10.29 24.56
C THR D 95 -29.24 9.76 23.69
N CYS D 96 -29.33 9.87 22.36
CA CYS D 96 -28.33 9.29 21.46
CA CYS D 96 -28.33 9.29 21.46
C CYS D 96 -27.92 10.31 20.40
N LEU D 97 -27.57 11.52 20.86
CA LEU D 97 -27.36 12.66 19.98
C LEU D 97 -26.23 12.43 18.97
N GLU D 98 -25.08 11.91 19.42
CA GLU D 98 -23.93 11.81 18.51
C GLU D 98 -24.28 11.01 17.26
N ARG D 99 -24.95 9.87 17.44
CA ARG D 99 -25.24 9.03 16.28
C ARG D 99 -26.39 9.62 15.47
N SER D 100 -27.41 10.13 16.16
CA SER D 100 -28.64 10.54 15.50
C SER D 100 -28.47 11.82 14.70
N LEU D 101 -27.62 12.72 15.17
CA LEU D 101 -27.47 14.00 14.48
C LEU D 101 -26.60 13.91 13.23
N TYR D 102 -25.99 12.74 12.95
CA TYR D 102 -25.31 12.56 11.67
C TYR D 102 -26.26 12.79 10.51
N MET D 103 -27.39 12.10 10.53
CA MET D 103 -28.33 12.28 9.44
C MET D 103 -28.93 13.68 9.47
N THR D 104 -29.07 14.28 10.65
CA THR D 104 -29.59 15.65 10.73
C THR D 104 -28.72 16.64 9.95
N LEU D 105 -27.40 16.51 10.08
CA LEU D 105 -26.49 17.39 9.33
C LEU D 105 -26.64 17.20 7.83
N GLN D 106 -26.81 15.95 7.39
CA GLN D 106 -27.01 15.68 5.97
C GLN D 106 -28.30 16.33 5.47
N LEU D 107 -29.38 16.20 6.24
CA LEU D 107 -30.65 16.86 5.88
C LEU D 107 -30.48 18.37 5.84
N ARG D 108 -29.74 18.91 6.81
CA ARG D 108 -29.57 20.35 6.87
C ARG D 108 -28.79 20.87 5.66
N GLU D 109 -27.89 20.05 5.14
CA GLU D 109 -27.14 20.47 3.96
C GLU D 109 -28.04 20.62 2.75
N LEU D 110 -29.16 19.89 2.69
CA LEU D 110 -30.11 20.01 1.57
C LEU D 110 -30.80 21.37 1.54
N ARG D 111 -30.94 22.03 2.69
CA ARG D 111 -31.59 23.32 2.84
C ARG D 111 -33.08 23.26 2.47
N ARG D 112 -33.65 22.08 2.53
CA ARG D 112 -35.09 21.91 2.50
C ARG D 112 -35.66 22.31 3.86
N PRO D 113 -36.87 22.88 3.91
CA PRO D 113 -37.42 23.31 5.19
C PRO D 113 -37.58 22.15 6.14
N MET D 114 -37.07 22.31 7.35
CA MET D 114 -37.11 21.18 8.27
C MET D 114 -37.08 21.66 9.70
N ILE D 115 -37.50 20.76 10.60
CA ILE D 115 -37.54 20.95 12.04
C ILE D 115 -36.89 19.72 12.64
N VAL D 116 -36.19 19.89 13.76
CA VAL D 116 -35.69 18.76 14.54
C VAL D 116 -36.60 18.59 15.76
N VAL D 117 -37.17 17.40 15.91
CA VAL D 117 -37.94 17.03 17.09
C VAL D 117 -37.06 16.14 17.96
N LEU D 118 -36.57 16.68 19.07
CA LEU D 118 -35.88 15.90 20.09
C LEU D 118 -36.93 15.13 20.88
N ASN D 119 -36.88 13.81 20.80
CA ASN D 119 -37.84 12.95 21.47
C ASN D 119 -37.17 12.27 22.67
N LYS D 120 -38.00 11.73 23.57
CA LYS D 120 -37.54 11.00 24.76
C LYS D 120 -36.86 11.92 25.77
N MET D 121 -37.35 13.16 25.87
CA MET D 121 -36.73 14.09 26.81
C MET D 121 -36.94 13.61 28.24
N ASP D 122 -38.03 12.86 28.47
CA ASP D 122 -38.25 12.25 29.78
C ASP D 122 -37.14 11.27 30.12
N ALA D 123 -36.69 10.46 29.15
CA ALA D 123 -35.57 9.57 29.38
C ALA D 123 -34.30 10.34 29.64
N LEU D 124 -34.09 11.45 28.93
CA LEU D 124 -32.92 12.29 29.15
C LEU D 124 -32.87 12.82 30.57
N LYS D 125 -34.03 13.24 31.10
CA LYS D 125 -34.09 13.77 32.46
C LYS D 125 -33.68 12.71 33.48
N ARG D 126 -34.14 11.47 33.28
CA ARG D 126 -33.80 10.38 34.19
C ARG D 126 -32.30 10.10 34.21
N GLU D 127 -31.61 10.38 33.12
CA GLU D 127 -30.17 10.18 33.04
C GLU D 127 -29.38 11.37 33.56
N ARG D 128 -30.07 12.40 34.06
CA ARG D 128 -29.44 13.61 34.62
C ARG D 128 -28.57 14.33 33.60
N VAL D 129 -29.04 14.39 32.36
CA VAL D 129 -28.39 15.15 31.31
C VAL D 129 -29.25 16.38 30.99
N HIS D 130 -28.59 17.51 30.83
CA HIS D 130 -29.24 18.77 30.49
C HIS D 130 -28.75 19.22 29.12
N LEU D 131 -29.69 19.57 28.25
CA LEU D 131 -29.33 20.05 26.92
C LEU D 131 -29.70 21.52 26.77
N ASP D 132 -28.73 22.31 26.31
CA ASP D 132 -28.96 23.72 26.01
C ASP D 132 -29.59 23.82 24.63
N LEU D 133 -30.92 23.89 24.59
CA LEU D 133 -31.65 23.88 23.33
C LEU D 133 -31.43 25.14 22.50
N LYS D 134 -31.22 26.29 23.13
CA LYS D 134 -30.86 27.48 22.37
C LYS D 134 -29.51 27.33 21.68
N GLN D 135 -28.54 26.71 22.34
CA GLN D 135 -27.29 26.40 21.66
C GLN D 135 -27.50 25.40 20.54
N LEU D 136 -28.33 24.38 20.77
CA LEU D 136 -28.54 23.37 19.74
C LEU D 136 -29.16 23.99 18.49
N GLU D 137 -30.13 24.89 18.68
CA GLU D 137 -30.72 25.57 17.54
C GLU D 137 -29.66 26.41 16.81
N ALA D 138 -28.73 27.00 17.56
CA ALA D 138 -27.66 27.77 16.93
C ALA D 138 -26.73 26.88 16.11
N PHE D 139 -26.41 25.69 16.63
CA PHE D 139 -25.51 24.79 15.88
C PHE D 139 -26.20 24.17 14.67
N LEU D 140 -27.51 23.92 14.75
CA LEU D 140 -28.19 23.27 13.62
C LEU D 140 -28.79 24.26 12.63
N GLY D 141 -29.10 25.48 13.07
CA GLY D 141 -29.65 26.46 12.16
C GLY D 141 -31.06 26.18 11.70
N CYS D 142 -31.84 25.45 12.49
CA CYS D 142 -33.24 25.22 12.16
C CYS D 142 -33.98 25.06 13.48
N PRO D 143 -35.30 25.19 13.47
CA PRO D 143 -36.05 25.06 14.72
C PRO D 143 -35.83 23.70 15.36
N VAL D 144 -35.71 23.70 16.68
CA VAL D 144 -35.57 22.48 17.48
C VAL D 144 -36.72 22.48 18.47
N LEU D 145 -37.54 21.45 18.40
CA LEU D 145 -38.64 21.28 19.33
C LEU D 145 -38.34 20.05 20.18
N ALA D 146 -38.58 20.13 21.48
CA ALA D 146 -38.26 19.03 22.38
C ALA D 146 -39.54 18.52 23.04
N LEU D 147 -39.67 17.20 23.12
CA LEU D 147 -40.84 16.62 23.73
C LEU D 147 -40.58 15.16 24.09
N SER D 148 -41.60 14.54 24.68
CA SER D 148 -41.72 13.09 24.76
C SER D 148 -43.00 12.74 24.01
N ALA D 149 -42.86 11.96 22.94
CA ALA D 149 -44.01 11.58 22.13
C ALA D 149 -44.98 10.65 22.86
N ASN D 150 -44.59 10.08 24.00
CA ASN D 150 -45.48 9.29 24.84
C ASN D 150 -46.38 10.16 25.72
N ASN D 151 -46.32 11.48 25.57
CA ASN D 151 -47.10 12.41 26.38
C ASN D 151 -48.10 13.10 25.46
N LYS D 152 -49.39 12.80 25.65
CA LYS D 152 -50.41 13.25 24.70
C LYS D 152 -50.49 14.77 24.64
N GLU D 153 -50.32 15.44 25.77
CA GLU D 153 -50.41 16.90 25.83
C GLU D 153 -49.25 17.56 25.07
N GLN D 154 -48.05 17.00 25.21
CA GLN D 154 -46.90 17.59 24.50
C GLN D 154 -47.02 17.42 23.00
N VAL D 155 -47.66 16.34 22.54
CA VAL D 155 -47.95 16.16 21.12
C VAL D 155 -48.98 17.19 20.64
N ARG D 156 -50.05 17.40 21.42
CA ARG D 156 -51.03 18.40 21.00
C ARG D 156 -50.44 19.81 21.02
N ARG D 157 -49.62 20.15 22.01
CA ARG D 157 -48.90 21.42 21.99
C ARG D 157 -47.96 21.50 20.77
N PHE D 158 -47.30 20.38 20.45
CA PHE D 158 -46.44 20.35 19.27
C PHE D 158 -47.19 20.73 18.00
N LYS D 159 -48.40 20.19 17.82
CA LYS D 159 -49.22 20.55 16.66
C LYS D 159 -49.38 22.07 16.54
N GLU D 160 -49.59 22.75 17.67
CA GLU D 160 -49.69 24.22 17.66
C GLU D 160 -48.39 24.87 17.24
N LYS D 161 -47.25 24.36 17.73
CA LYS D 161 -45.98 24.96 17.37
C LYS D 161 -45.65 24.68 15.93
N LEU D 162 -45.96 23.46 15.47
CA LEU D 162 -45.76 23.07 14.07
C LEU D 162 -46.58 23.95 13.14
N HIS D 163 -47.86 24.12 13.45
CA HIS D 163 -48.72 24.94 12.61
C HIS D 163 -48.15 26.34 12.48
N LYS D 164 -47.74 26.93 13.60
CA LYS D 164 -47.24 28.30 13.56
C LYS D 164 -46.00 28.41 12.70
N LEU D 165 -45.06 27.46 12.82
CA LEU D 165 -43.89 27.49 11.96
C LEU D 165 -44.26 27.34 10.49
N LEU D 166 -45.25 26.51 10.18
CA LEU D 166 -45.58 26.32 8.77
C LEU D 166 -46.20 27.58 8.18
N VAL D 167 -47.00 28.28 8.99
CA VAL D 167 -47.62 29.52 8.54
C VAL D 167 -46.58 30.62 8.39
N GLN D 168 -45.68 30.71 9.36
CA GLN D 168 -44.62 31.69 9.38
C GLN D 168 -43.61 31.48 8.26
N GLY D 169 -43.43 30.24 7.80
CA GLY D 169 -42.35 29.88 6.88
C GLY D 169 -41.10 29.49 7.66
N ILE D 170 -40.37 28.46 7.24
CA ILE D 170 -39.24 28.00 8.02
C ILE D 170 -38.00 28.78 7.61
N ALA D 171 -37.47 29.56 8.54
CA ALA D 171 -36.26 30.34 8.32
C ALA D 171 -35.06 29.50 8.72
N LEU D 172 -34.20 29.23 7.75
CA LEU D 172 -33.02 28.40 7.93
C LEU D 172 -31.77 29.25 7.88
N LYS D 173 -30.91 29.11 8.89
CA LYS D 173 -29.54 29.61 8.84
C LYS D 173 -28.68 28.44 8.38
N GLN D 174 -28.17 28.50 7.15
CA GLN D 174 -27.49 27.34 6.58
C GLN D 174 -26.16 27.10 7.28
N ILE D 175 -25.79 25.82 7.39
CA ILE D 175 -24.77 25.37 8.35
C ILE D 175 -23.38 25.77 7.88
N GLU D 176 -22.59 26.31 8.80
CA GLU D 176 -21.15 26.43 8.65
C GLU D 176 -20.52 25.05 8.82
N LEU D 177 -20.64 24.23 7.79
CA LEU D 177 -19.91 22.98 7.68
C LEU D 177 -18.86 23.16 6.58
N HIS D 178 -17.60 23.26 6.97
CA HIS D 178 -16.51 23.47 6.04
C HIS D 178 -15.70 22.18 5.97
N TYR D 179 -15.43 21.69 4.77
CA TYR D 179 -14.82 20.39 4.56
C TYR D 179 -13.33 20.47 4.25
N GLY D 180 -12.71 21.63 4.43
CA GLY D 180 -11.32 21.79 4.06
C GLY D 180 -11.14 22.29 2.64
N ALA D 181 -10.00 22.96 2.42
CA ALA D 181 -9.75 23.66 1.17
C ALA D 181 -9.91 22.72 -0.03
N GLU D 182 -9.31 21.53 0.06
CA GLU D 182 -9.30 20.62 -1.08
C GLU D 182 -10.72 20.20 -1.47
N PHE D 183 -11.48 19.69 -0.49
CA PHE D 183 -12.81 19.18 -0.81
C PHE D 183 -13.74 20.32 -1.22
N GLU D 184 -13.61 21.47 -0.55
CA GLU D 184 -14.43 22.62 -0.90
C GLU D 184 -14.16 23.11 -2.31
N SER D 185 -12.91 23.05 -2.76
CA SER D 185 -12.64 23.36 -4.16
C SER D 185 -13.36 22.39 -5.07
N LEU D 186 -13.34 21.10 -4.73
CA LEU D 186 -14.10 20.14 -5.53
C LEU D 186 -15.58 20.48 -5.54
N ILE D 187 -16.16 20.80 -4.37
CA ILE D 187 -17.58 21.19 -4.37
C ILE D 187 -17.81 22.36 -5.32
N HIS D 188 -16.98 23.40 -5.20
CA HIS D 188 -17.12 24.58 -6.03
C HIS D 188 -17.01 24.25 -7.52
N GLU D 189 -16.21 23.24 -7.89
CA GLU D 189 -16.09 22.89 -9.31
C GLU D 189 -17.36 22.24 -9.85
N LEU D 190 -18.02 21.43 -9.04
CA LEU D 190 -19.19 20.70 -9.51
C LEU D 190 -20.50 21.46 -9.36
N GLU D 191 -20.58 22.48 -8.50
CA GLU D 191 -21.85 23.17 -8.25
C GLU D 191 -22.52 23.67 -9.52
N PRO D 192 -21.82 24.32 -10.47
CA PRO D 192 -22.45 24.72 -11.73
C PRO D 192 -23.32 23.69 -12.40
N MET D 193 -22.92 22.41 -12.42
CA MET D 193 -23.74 21.44 -13.13
C MET D 193 -25.01 21.08 -12.36
N PHE D 194 -25.10 21.47 -11.09
CA PHE D 194 -26.25 21.17 -10.27
C PHE D 194 -27.10 22.41 -9.99
N ALA D 195 -26.83 23.51 -10.68
CA ALA D 195 -27.59 24.74 -10.49
C ALA D 195 -28.96 24.61 -11.14
N GLU D 196 -29.90 25.40 -10.64
CA GLU D 196 -31.27 25.37 -11.15
C GLU D 196 -31.86 23.97 -11.07
N GLN D 197 -31.77 23.38 -9.88
CA GLN D 197 -32.44 22.14 -9.51
C GLN D 197 -33.32 22.40 -8.29
N ALA D 198 -34.11 21.39 -7.92
CA ALA D 198 -35.02 21.52 -6.78
C ALA D 198 -34.30 21.54 -5.44
N VAL D 199 -33.05 21.12 -5.39
CA VAL D 199 -32.25 21.12 -4.17
C VAL D 199 -31.01 21.97 -4.39
N SER D 200 -30.55 22.59 -3.30
CA SER D 200 -29.32 23.36 -3.27
C SER D 200 -28.20 22.70 -4.08
N ALA D 201 -27.53 23.52 -4.90
CA ALA D 201 -26.44 23.01 -5.73
C ALA D 201 -25.27 22.52 -4.87
N ARG D 202 -24.98 23.21 -3.76
CA ARG D 202 -23.95 22.72 -2.83
C ARG D 202 -24.25 21.32 -2.33
N ALA D 203 -25.45 21.09 -1.81
CA ALA D 203 -25.79 19.76 -1.31
C ALA D 203 -25.70 18.72 -2.40
N LEU D 204 -26.20 19.06 -3.61
CA LEU D 204 -26.16 18.11 -4.72
C LEU D 204 -24.73 17.78 -5.12
N ALA D 205 -23.82 18.76 -5.09
CA ALA D 205 -22.42 18.47 -5.38
C ALA D 205 -21.80 17.56 -4.34
N ILE D 206 -22.12 17.79 -3.05
CA ILE D 206 -21.60 16.92 -1.98
C ILE D 206 -22.15 15.52 -2.13
N ARG D 207 -23.48 15.41 -2.33
CA ARG D 207 -24.10 14.10 -2.53
C ARG D 207 -23.48 13.40 -3.74
N ALA D 208 -23.23 14.14 -4.82
CA ALA D 208 -22.58 13.56 -5.99
C ALA D 208 -21.20 13.02 -5.65
N LEU D 209 -20.39 13.82 -4.94
CA LEU D 209 -19.07 13.34 -4.52
C LEU D 209 -19.18 12.12 -3.62
N GLU D 210 -20.19 12.08 -2.74
CA GLU D 210 -20.48 10.91 -1.93
C GLU D 210 -21.06 9.75 -2.73
N ASN D 211 -21.22 9.93 -4.04
CA ASN D 211 -21.67 8.88 -4.97
C ASN D 211 -23.13 8.48 -4.69
N ASP D 212 -23.97 9.49 -4.41
CA ASP D 212 -25.42 9.28 -4.23
C ASP D 212 -26.03 8.90 -5.57
N ARG D 213 -26.59 7.68 -5.65
CA ARG D 213 -27.02 7.13 -6.93
C ARG D 213 -28.15 7.94 -7.56
N LEU D 214 -29.12 8.39 -6.76
CA LEU D 214 -30.19 9.23 -7.31
C LEU D 214 -29.63 10.45 -8.01
N VAL D 215 -28.64 11.09 -7.41
CA VAL D 215 -28.07 12.29 -8.00
C VAL D 215 -27.27 11.94 -9.24
N ILE D 216 -26.44 10.90 -9.16
CA ILE D 216 -25.58 10.53 -10.29
C ILE D 216 -26.45 10.13 -11.48
N ASN D 217 -27.48 9.32 -11.21
CA ASN D 217 -28.30 8.72 -12.26
C ASN D 217 -28.94 9.76 -13.16
N GLY D 218 -29.17 10.97 -12.65
CA GLY D 218 -29.71 12.03 -13.49
C GLY D 218 -28.62 12.71 -14.27
N ALA D 222 -21.97 11.58 -19.27
CA ALA D 222 -21.10 12.64 -19.77
C ALA D 222 -20.67 13.56 -18.62
N GLU D 223 -21.64 14.21 -17.99
CA GLU D 223 -21.37 14.94 -16.76
C GLU D 223 -20.98 13.98 -15.65
N ARG D 224 -21.56 12.79 -15.68
CA ARG D 224 -21.27 11.71 -14.73
C ARG D 224 -19.79 11.36 -14.76
N GLN D 225 -19.20 11.35 -15.96
CA GLN D 225 -17.77 11.08 -16.10
C GLN D 225 -16.95 12.19 -15.45
N ASN D 226 -17.41 13.44 -15.57
CA ASN D 226 -16.72 14.56 -14.93
C ASN D 226 -16.74 14.41 -13.41
N VAL D 227 -17.87 13.98 -12.85
CA VAL D 227 -17.97 13.73 -11.41
C VAL D 227 -17.00 12.64 -10.98
N GLU D 228 -17.03 11.49 -11.68
CA GLU D 228 -16.17 10.38 -11.31
C GLU D 228 -14.69 10.73 -11.46
N GLN D 229 -14.37 11.69 -12.33
CA GLN D 229 -12.99 12.14 -12.45
C GLN D 229 -12.56 12.92 -11.21
N ARG D 230 -13.41 13.85 -10.75
CA ARG D 230 -13.10 14.64 -9.56
C ARG D 230 -13.10 13.80 -8.30
N GLN D 231 -13.86 12.70 -8.28
CA GLN D 231 -13.74 11.75 -7.18
C GLN D 231 -12.31 11.19 -7.11
N HIS D 232 -11.74 10.84 -8.26
CA HIS D 232 -10.39 10.30 -8.28
C HIS D 232 -9.36 11.38 -7.96
N GLU D 233 -9.66 12.64 -8.26
CA GLU D 233 -8.72 13.70 -7.93
C GLU D 233 -8.53 13.85 -6.43
N CYS D 234 -9.55 13.51 -5.64
CA CYS D 234 -9.45 13.60 -4.20
C CYS D 234 -8.43 12.59 -3.69
N GLN D 235 -7.39 13.10 -3.03
CA GLN D 235 -6.27 12.27 -2.62
C GLN D 235 -6.66 11.30 -1.51
N VAL D 236 -7.70 11.61 -0.74
CA VAL D 236 -8.10 10.79 0.40
C VAL D 236 -9.54 10.31 0.21
N ASP D 237 -9.95 9.34 1.03
CA ASP D 237 -11.26 8.71 0.86
C ASP D 237 -12.37 9.67 1.25
N ILE D 238 -13.28 9.93 0.31
CA ILE D 238 -14.31 10.95 0.49
C ILE D 238 -15.26 10.59 1.63
N ASP D 239 -15.71 9.33 1.66
CA ASP D 239 -16.59 8.86 2.73
C ASP D 239 -16.04 9.18 4.10
N LEU D 240 -14.74 8.96 4.27
CA LEU D 240 -14.12 9.20 5.55
C LEU D 240 -13.87 10.68 5.78
N LEU D 241 -13.50 11.43 4.74
CA LEU D 241 -13.35 12.88 4.91
C LEU D 241 -14.64 13.52 5.42
N VAL D 242 -15.78 13.25 4.76
CA VAL D 242 -17.02 13.91 5.17
C VAL D 242 -17.44 13.45 6.56
N ALA D 243 -17.21 12.17 6.88
CA ALA D 243 -17.57 11.69 8.21
C ALA D 243 -16.74 12.38 9.29
N ASN D 244 -15.44 12.56 9.06
CA ASN D 244 -14.61 13.25 10.03
C ASN D 244 -15.10 14.67 10.26
N VAL D 245 -15.36 15.40 9.17
CA VAL D 245 -15.81 16.78 9.34
C VAL D 245 -17.13 16.82 10.10
N ARG D 246 -18.07 15.96 9.73
CA ARG D 246 -19.37 15.98 10.38
C ARG D 246 -19.27 15.54 11.84
N TYR D 247 -18.52 14.49 12.13
CA TYR D 247 -18.41 14.09 13.53
C TYR D 247 -17.59 15.07 14.34
N THR D 248 -16.62 15.75 13.71
CA THR D 248 -15.92 16.81 14.43
C THR D 248 -16.88 17.92 14.82
N TYR D 249 -17.77 18.31 13.90
CA TYR D 249 -18.79 19.31 14.22
C TYR D 249 -19.71 18.82 15.33
N LEU D 250 -20.09 17.54 15.28
CA LEU D 250 -20.99 17.03 16.30
C LEU D 250 -20.32 16.94 17.66
N HIS D 251 -19.01 16.70 17.69
CA HIS D 251 -18.30 16.70 18.96
C HIS D 251 -18.28 18.11 19.54
N GLU D 252 -17.99 19.09 18.69
CA GLU D 252 -18.04 20.48 19.11
C GLU D 252 -19.44 20.85 19.59
N LEU D 253 -20.48 20.37 18.88
CA LEU D 253 -21.86 20.66 19.27
C LEU D 253 -22.16 20.12 20.66
N CYS D 254 -21.81 18.86 20.90
CA CYS D 254 -22.13 18.24 22.19
C CYS D 254 -21.42 18.93 23.36
N THR D 255 -20.19 19.40 23.14
CA THR D 255 -19.50 20.05 24.26
C THR D 255 -20.18 21.35 24.65
N HIS D 256 -20.93 21.98 23.73
CA HIS D 256 -21.64 23.22 24.06
C HIS D 256 -23.10 23.00 24.44
N VAL D 257 -23.71 21.89 24.02
CA VAL D 257 -25.13 21.66 24.24
C VAL D 257 -25.37 20.78 25.47
N ARG D 258 -24.48 19.81 25.70
CA ARG D 258 -24.72 18.73 26.65
C ARG D 258 -23.93 18.97 27.93
N ARG D 259 -24.61 18.85 29.07
CA ARG D 259 -23.98 18.91 30.38
C ARG D 259 -24.57 17.87 31.31
N THR D 260 -23.70 17.23 32.09
CA THR D 260 -24.13 16.42 33.21
C THR D 260 -23.99 17.25 34.50
PB GDP E . 18.02 -20.97 2.14
O1B GDP E . 18.88 -20.85 0.90
O2B GDP E . 17.43 -19.64 2.53
O3B GDP E . 18.88 -21.44 3.30
O3A GDP E . 16.93 -22.07 1.76
PA GDP E . 16.32 -23.26 2.62
O1A GDP E . 17.34 -24.40 2.84
O2A GDP E . 15.78 -22.67 3.87
O5' GDP E . 15.21 -23.71 1.56
C5' GDP E . 14.25 -22.73 1.15
C4' GDP E . 13.06 -23.48 0.58
O4' GDP E . 13.51 -24.28 -0.50
C3' GDP E . 12.48 -24.43 1.61
O3' GDP E . 11.05 -24.47 1.49
C2' GDP E . 13.03 -25.76 1.21
O2' GDP E . 12.22 -26.85 1.68
C1' GDP E . 13.07 -25.63 -0.31
N9 GDP E . 14.05 -26.58 -0.84
C8 GDP E . 15.33 -26.76 -0.42
N7 GDP E . 15.93 -27.74 -1.15
C5 GDP E . 15.04 -28.16 -2.07
C6 GDP E . 14.98 -29.16 -3.17
O6 GDP E . 15.95 -29.88 -3.45
N1 GDP E . 13.84 -29.28 -3.88
C2 GDP E . 12.76 -28.53 -3.62
N2 GDP E . 11.64 -28.68 -4.38
N3 GDP E . 12.73 -27.61 -2.63
C4 GDP E . 13.82 -27.39 -1.86
C1 GOL F . 42.17 -5.70 -0.85
O1 GOL F . 43.28 -6.26 -1.47
C2 GOL F . 41.78 -6.62 0.31
O2 GOL F . 40.82 -6.07 1.15
C3 GOL F . 41.33 -7.94 -0.35
O3 GOL F . 42.47 -8.53 -0.87
C1 GOL G . 31.74 -5.02 7.49
O1 GOL G . 31.61 -3.70 7.05
C2 GOL G . 33.24 -5.41 7.28
O2 GOL G . 33.41 -6.73 6.91
C3 GOL G . 33.77 -4.40 6.26
O3 GOL G . 35.16 -4.50 6.31
PB GDP H . 15.07 13.06 -13.90
O1B GDP H . 14.03 12.15 -14.49
O2B GDP H . 15.92 13.67 -14.99
O3B GDP H . 15.98 12.25 -12.98
O3A GDP H . 14.31 14.21 -13.08
PA GDP H . 14.59 14.90 -11.65
O1A GDP H . 14.18 14.09 -10.47
O2A GDP H . 15.99 15.43 -11.61
O5' GDP H . 13.54 16.10 -11.77
C5' GDP H . 13.69 17.06 -12.81
C4' GDP H . 13.02 18.34 -12.31
O4' GDP H . 11.68 18.01 -12.05
C3' GDP H . 13.61 18.79 -10.98
O3' GDP H . 13.60 20.21 -11.02
C2' GDP H . 12.58 18.38 -9.96
O2' GDP H . 12.52 19.28 -8.86
C1' GDP H . 11.30 18.45 -10.75
N9 GDP H . 10.27 17.57 -10.18
C8 GDP H . 10.42 16.24 -9.90
N7 GDP H . 9.28 15.73 -9.42
C5 GDP H . 8.37 16.73 -9.39
C6 GDP H . 6.97 16.92 -9.00
O6 GDP H . 6.28 15.98 -8.56
N1 GDP H . 6.39 18.15 -9.13
C2 GDP H . 7.07 19.21 -9.60
N2 GDP H . 6.40 20.42 -9.73
N3 GDP H . 8.35 19.12 -9.99
C4 GDP H . 9.03 17.93 -9.90
C1 GOL I . -4.43 -2.93 -14.53
O1 GOL I . -4.47 -2.39 -15.83
C2 GOL I . -3.93 -4.39 -14.64
O2 GOL I . -3.11 -4.61 -15.74
C3 GOL I . -3.25 -4.72 -13.30
O3 GOL I . -3.96 -4.04 -12.31
PB GDP J . -4.09 -4.01 4.06
O1B GDP J . -4.12 -3.95 5.56
O2B GDP J . -3.01 -3.13 3.49
O3B GDP J . -5.45 -3.67 3.49
O3A GDP J . -3.74 -5.53 3.72
PA GDP J . -4.42 -6.44 2.60
O1A GDP J . -5.78 -6.96 2.97
O2A GDP J . -4.37 -5.76 1.26
O5' GDP J . -3.36 -7.66 2.70
C5' GDP J . -1.99 -7.48 2.33
C4' GDP J . -1.48 -8.85 1.90
O4' GDP J . -1.63 -9.78 2.97
C3' GDP J . -2.30 -9.40 0.75
O3' GDP J . -1.41 -10.10 -0.13
C2' GDP J . -3.26 -10.38 1.38
O2' GDP J . -3.63 -11.43 0.49
C1' GDP J . -2.38 -10.92 2.49
N9 GDP J . -3.15 -11.52 3.59
C8 GDP J . -4.24 -10.98 4.20
N7 GDP J . -4.67 -11.80 5.17
C5 GDP J . -3.85 -12.88 5.18
C6 GDP J . -3.73 -14.14 5.94
O6 GDP J . -4.53 -14.40 6.85
N1 GDP J . -2.72 -15.01 5.63
C2 GDP J . -1.83 -14.75 4.66
N2 GDP J . -0.84 -15.66 4.40
N3 GDP J . -1.89 -13.62 3.90
C4 GDP J . -2.85 -12.69 4.13
C1 GOL K . 1.33 -21.61 15.23
O1 GOL K . 2.42 -20.78 15.00
C2 GOL K . 0.63 -21.02 16.46
O2 GOL K . -0.44 -21.79 16.89
C3 GOL K . 1.77 -20.90 17.51
O3 GOL K . 1.70 -19.60 18.01
C1 GOL L . 15.29 -31.55 8.71
O1 GOL L . 16.25 -30.56 8.97
C2 GOL L . 13.88 -30.89 8.72
O2 GOL L . 12.89 -31.71 9.22
C3 GOL L . 14.05 -29.55 9.50
O3 GOL L . 14.66 -29.82 10.71
C1 GOL M . -8.42 -10.02 29.02
O1 GOL M . -7.36 -9.46 29.74
C2 GOL M . -9.60 -9.03 29.17
O2 GOL M . -9.22 -7.77 29.54
C3 GOL M . -10.28 -9.04 27.78
O3 GOL M . -11.52 -9.63 27.96
PB GDP N . -39.50 4.05 15.67
O1B GDP N . -38.63 5.23 15.29
O2B GDP N . -38.68 2.83 15.35
O3B GDP N . -40.79 4.07 14.89
O3A GDP N . -39.72 4.16 17.27
PA GDP N . -41.05 3.77 18.08
O1A GDP N . -42.10 4.87 17.93
O2A GDP N . -41.60 2.44 17.64
O5' GDP N . -40.50 3.79 19.57
C5' GDP N . -39.30 3.10 19.92
C4' GDP N . -39.30 2.86 21.43
O4' GDP N . -39.15 4.09 22.11
C3' GDP N . -40.63 2.29 21.91
O3' GDP N . -40.34 1.46 23.04
C2' GDP N . -41.39 3.49 22.40
O2' GDP N . -42.42 3.19 23.36
C1' GDP N . -40.25 4.29 23.01
N9 GDP N . -40.61 5.72 23.02
C8 GDP N . -41.19 6.40 22.01
N7 GDP N . -41.36 7.69 22.36
C5 GDP N . -40.87 7.84 23.60
C6 GDP N . -40.72 8.93 24.60
O6 GDP N . -41.13 10.07 24.33
N1 GDP N . -40.17 8.68 25.80
C2 GDP N . -39.73 7.45 26.12
N2 GDP N . -39.17 7.26 27.34
N3 GDP N . -39.83 6.39 25.27
C4 GDP N . -40.37 6.53 24.04
C1 GOL O . -50.86 29.41 13.38
O1 GOL O . -50.55 29.70 14.72
C2 GOL O . -52.29 29.96 13.09
O2 GOL O . -52.65 29.81 11.77
C3 GOL O . -53.22 29.19 14.05
O3 GOL O . -52.39 28.40 14.85
#